data_7KDU
#
_entry.id   7KDU
#
_cell.length_a   45.281
_cell.length_b   76.494
_cell.length_c   101.440
_cell.angle_alpha   90.000
_cell.angle_beta   90.920
_cell.angle_gamma   90.000
#
_symmetry.space_group_name_H-M   'P 1 21 1'
#
loop_
_entity.id
_entity.type
_entity.pdbx_description
1 polymer 'Ricin chain A'
2 polymer 'Ricin chain B'
3 polymer 'VHH antibody V5E4'
4 branched alpha-L-fucopyranose-(1-3)-2-acetamido-2-deoxy-beta-D-glucopyranose
5 branched 2-acetamido-2-deoxy-beta-D-glucopyranose-(1-4)-2-acetamido-2-deoxy-beta-D-glucopyranose
6 non-polymer 1,2-ETHANEDIOL
7 non-polymer 'ZINC ION'
8 water water
#
loop_
_entity_poly.entity_id
_entity_poly.type
_entity_poly.pdbx_seq_one_letter_code
_entity_poly.pdbx_strand_id
1 'polypeptide(L)'
;IFPKQYPIINFTTAGATVQSYTNFIRAVRGRLTTGADVRHEIPVLPNRVGLPINQRFILVELSNHAELSVTLALDVTNAY
VVGYRAGNSAYFFHPDNQEDAEAITHLFTDVQNRYTFAFGGNYDRLEQLAGNLRENIELGNGPLEEAISALYYYSTGGTQ
LPTLARSFIICIQMISEAARFQYIEGEMRTRIRYNRRSAPDPSVITLENSWGRLSTAIQESNQGAFASPIQLQRRNGSKF
SVYDVSILIPIIALMVYRCAPPPSSQF
;
A
2 'polypeptide(L)'
;ADVCMDPEPIVRIVGRNGLCVDVRDGRFHNGNAIQLWPCKSNTDANQLWTLKRDNTIRSNGKCLTTYGYSPGVYVMIYDC
NTAATDATRWQIWDNGTIINPRSSLVLAATSGNSGTTLTVQTNIYAVSQGWLPTNNTQPFVTTIVGLYGLCLQANSGQVW
IEDCSSEKAEQQWALYADGSIRPQQNRDNCLTSDSNIRETVVKILSCGPASSGQRWMFKNDGTILNLYSGLVLDVRASDP
SLKQIILYPLHGDPNQIWLPLF
;
B
3 'polypeptide(L)'
;NAQVQLVETGGGLVQAGGSLRLSCVASGGTFSSYAMGWFRQAPGKERDFVAGISLSGAGTYYQDSVKGRFTISRDNAKNT
VYLQMNSLKPEDTAVYYCKATGERGYGDQGYLEVWGRGTLVTVSSEPKTPKPQ
;
C
#
loop_
_chem_comp.id
_chem_comp.type
_chem_comp.name
_chem_comp.formula
EDO non-polymer 1,2-ETHANEDIOL 'C2 H6 O2'
FUC L-saccharide, alpha linking alpha-L-fucopyranose 'C6 H12 O5'
NAG D-saccharide, beta linking 2-acetamido-2-deoxy-beta-D-glucopyranose 'C8 H15 N O6'
ZN non-polymer 'ZINC ION' 'Zn 2'
#
# COMPACT_ATOMS: atom_id res chain seq x y z
N TYR A 6 1.46 29.78 -4.38
CA TYR A 6 1.21 28.34 -4.48
C TYR A 6 1.92 27.57 -3.37
N PRO A 7 1.31 26.48 -2.91
CA PRO A 7 1.94 25.68 -1.85
C PRO A 7 3.31 25.16 -2.28
N ILE A 8 4.25 25.18 -1.34
CA ILE A 8 5.63 24.80 -1.60
C ILE A 8 6.01 23.66 -0.65
N ILE A 9 6.70 22.66 -1.20
CA ILE A 9 7.10 21.48 -0.44
C ILE A 9 8.57 21.18 -0.72
N ASN A 10 9.36 21.02 0.33
CA ASN A 10 10.81 20.96 0.22
C ASN A 10 11.33 19.53 0.27
N PHE A 11 12.42 19.31 -0.46
CA PHE A 11 13.17 18.07 -0.36
C PHE A 11 14.62 18.33 -0.76
N THR A 12 15.53 17.57 -0.16
CA THR A 12 16.94 17.67 -0.47
C THR A 12 17.60 16.30 -0.47
N THR A 13 18.43 16.05 -1.48
CA THR A 13 19.23 14.84 -1.51
C THR A 13 20.40 14.89 -0.54
N ALA A 14 20.66 16.03 0.08
CA ALA A 14 21.75 16.15 1.04
C ALA A 14 21.32 15.53 2.37
N GLY A 15 21.88 14.38 2.69
CA GLY A 15 21.46 13.68 3.90
C GLY A 15 20.08 13.09 3.79
N ALA A 16 19.66 12.72 2.59
CA ALA A 16 18.33 12.17 2.41
C ALA A 16 18.25 10.79 3.02
N THR A 17 17.34 10.62 3.96
CA THR A 17 17.06 9.33 4.57
C THR A 17 15.75 8.78 4.00
N VAL A 18 15.49 7.51 4.28
CA VAL A 18 14.27 6.86 3.81
C VAL A 18 13.04 7.59 4.34
N GLN A 19 13.09 8.02 5.60
CA GLN A 19 12.00 8.80 6.19
C GLN A 19 11.98 10.22 5.65
N SER A 20 13.15 10.80 5.37
CA SER A 20 13.19 12.10 4.71
C SER A 20 12.61 12.04 3.31
N TYR A 21 12.59 10.87 2.67
CA TYR A 21 11.91 10.76 1.38
C TYR A 21 10.41 10.58 1.55
N THR A 22 9.97 9.77 2.52
CA THR A 22 8.56 9.45 2.65
C THR A 22 7.74 10.68 3.08
N ASN A 23 8.10 11.34 4.17
CA ASN A 23 7.32 12.53 4.56
C ASN A 23 7.24 13.53 3.42
N PHE A 24 8.31 13.60 2.60
CA PHE A 24 8.26 14.45 1.41
C PHE A 24 7.13 14.01 0.48
N ILE A 25 7.15 12.73 0.08
CA ILE A 25 6.09 12.22 -0.80
C ILE A 25 4.74 12.28 -0.11
N ARG A 26 4.72 12.05 1.21
CA ARG A 26 3.47 12.19 1.95
C ARG A 26 2.98 13.64 1.92
N ALA A 27 3.91 14.59 2.00
CA ALA A 27 3.53 16.00 1.94
C ALA A 27 3.11 16.39 0.53
N VAL A 28 3.78 15.82 -0.49
CA VAL A 28 3.36 16.04 -1.87
C VAL A 28 1.95 15.53 -2.08
N ARG A 29 1.69 14.29 -1.70
CA ARG A 29 0.33 13.76 -1.78
C ARG A 29 -0.62 14.58 -0.93
N GLY A 30 -0.17 15.02 0.24
CA GLY A 30 -1.02 15.80 1.13
C GLY A 30 -1.50 17.10 0.52
N ARG A 31 -0.80 17.63 -0.48
CA ARG A 31 -1.19 18.86 -1.15
C ARG A 31 -1.59 18.67 -2.59
N LEU A 32 -1.37 17.49 -3.18
CA LEU A 32 -1.86 17.25 -4.53
C LEU A 32 -3.38 17.13 -4.55
N THR A 33 -3.98 16.64 -3.46
CA THR A 33 -5.42 16.50 -3.39
C THR A 33 -5.86 16.61 -1.94
N THR A 34 -7.04 17.19 -1.74
CA THR A 34 -7.60 17.37 -0.42
C THR A 34 -8.01 16.05 0.24
N GLY A 35 -7.91 14.92 -0.47
CA GLY A 35 -8.34 13.66 0.08
C GLY A 35 -9.83 13.53 0.31
N ALA A 36 -10.63 14.46 -0.24
CA ALA A 36 -12.07 14.44 -0.01
C ALA A 36 -12.76 13.36 -0.84
N ASP A 37 -12.30 13.15 -2.06
CA ASP A 37 -12.92 12.19 -2.98
C ASP A 37 -12.05 10.94 -2.99
N VAL A 38 -12.47 9.93 -2.24
CA VAL A 38 -11.83 8.62 -2.21
C VAL A 38 -12.84 7.62 -2.74
N ARG A 39 -12.45 6.88 -3.78
CA ARG A 39 -13.34 5.92 -4.43
C ARG A 39 -12.71 4.53 -4.36
N HIS A 40 -13.41 3.61 -3.71
CA HIS A 40 -12.94 2.24 -3.54
C HIS A 40 -11.56 2.20 -2.88
N GLU A 41 -11.46 2.94 -1.78
CA GLU A 41 -10.25 3.11 -0.95
C GLU A 41 -9.12 3.82 -1.68
N ILE A 42 -9.36 4.39 -2.85
CA ILE A 42 -8.32 5.04 -3.64
C ILE A 42 -8.68 6.51 -3.76
N PRO A 43 -7.78 7.43 -3.41
CA PRO A 43 -8.10 8.86 -3.51
C PRO A 43 -8.01 9.37 -4.94
N VAL A 44 -8.76 10.45 -5.20
CA VAL A 44 -8.85 11.05 -6.52
C VAL A 44 -8.27 12.45 -6.47
N LEU A 45 -7.50 12.80 -7.50
CA LEU A 45 -7.01 14.16 -7.65
C LEU A 45 -8.18 15.10 -7.92
N PRO A 46 -8.01 16.40 -7.67
CA PRO A 46 -9.12 17.33 -7.90
C PRO A 46 -9.49 17.41 -9.37
N ASN A 47 -10.77 17.70 -9.62
CA ASN A 47 -11.29 17.77 -10.98
C ASN A 47 -10.82 19.05 -11.65
N ARG A 48 -10.25 18.90 -12.86
CA ARG A 48 -9.85 20.05 -13.66
C ARG A 48 -11.02 21.03 -13.83
N VAL A 49 -12.22 20.51 -14.12
CA VAL A 49 -13.40 21.35 -14.25
C VAL A 49 -13.82 21.83 -12.86
N GLY A 50 -13.85 23.15 -12.67
CA GLY A 50 -14.27 23.74 -11.42
C GLY A 50 -13.16 24.08 -10.46
N LEU A 51 -11.91 23.78 -10.81
CA LEU A 51 -10.77 24.03 -9.92
C LEU A 51 -10.26 25.46 -10.09
N PRO A 52 -10.22 26.26 -9.03
CA PRO A 52 -9.65 27.61 -9.15
C PRO A 52 -8.18 27.55 -9.54
N ILE A 53 -7.76 28.52 -10.34
CA ILE A 53 -6.38 28.51 -10.81
C ILE A 53 -5.41 28.82 -9.68
N ASN A 54 -5.85 29.56 -8.65
CA ASN A 54 -5.00 29.72 -7.48
C ASN A 54 -4.89 28.44 -6.66
N GLN A 55 -5.53 27.34 -7.10
CA GLN A 55 -5.36 26.04 -6.48
C GLN A 55 -4.95 24.99 -7.52
N ARG A 56 -4.47 25.44 -8.69
CA ARG A 56 -4.18 24.55 -9.80
C ARG A 56 -2.80 23.90 -9.73
N PHE A 57 -1.84 24.51 -9.04
CA PHE A 57 -0.47 24.01 -9.03
C PHE A 57 0.06 23.94 -7.60
N ILE A 58 1.02 23.04 -7.39
CA ILE A 58 1.88 23.06 -6.21
C ILE A 58 3.31 23.02 -6.70
N LEU A 59 4.22 23.50 -5.86
CA LEU A 59 5.62 23.65 -6.22
C LEU A 59 6.49 22.85 -5.25
N VAL A 60 7.36 22.00 -5.79
CA VAL A 60 8.35 21.29 -4.99
C VAL A 60 9.69 21.94 -5.23
N GLU A 61 10.44 22.17 -4.15
CA GLU A 61 11.77 22.76 -4.22
C GLU A 61 12.81 21.68 -3.94
N LEU A 62 13.77 21.54 -4.84
CA LEU A 62 14.78 20.49 -4.75
C LEU A 62 16.15 21.11 -4.59
N SER A 63 16.89 20.64 -3.58
CA SER A 63 18.26 21.05 -3.32
C SER A 63 19.10 19.79 -3.09
N ASN A 64 20.42 19.96 -3.00
CA ASN A 64 21.32 18.82 -2.99
C ASN A 64 22.58 19.15 -2.19
N HIS A 65 23.54 18.23 -2.23
CA HIS A 65 24.78 18.42 -1.48
C HIS A 65 25.52 19.68 -1.92
N ALA A 66 25.26 20.14 -3.15
CA ALA A 66 25.92 21.33 -3.68
C ALA A 66 25.14 22.61 -3.41
N GLU A 67 23.98 22.52 -2.77
CA GLU A 67 23.15 23.69 -2.46
C GLU A 67 22.67 24.41 -3.72
N LEU A 68 22.45 23.66 -4.79
CA LEU A 68 21.76 24.18 -5.97
C LEU A 68 20.28 23.90 -5.83
N SER A 69 19.46 24.92 -6.06
CA SER A 69 18.02 24.85 -5.84
C SER A 69 17.29 24.91 -7.18
N VAL A 70 16.33 24.01 -7.36
CA VAL A 70 15.45 24.01 -8.52
C VAL A 70 14.04 23.76 -8.01
N THR A 71 13.08 24.57 -8.47
CA THR A 71 11.70 24.45 -8.02
C THR A 71 10.86 23.93 -9.18
N LEU A 72 10.27 22.76 -9.01
CA LEU A 72 9.39 22.16 -9.99
C LEU A 72 7.95 22.60 -9.76
N ALA A 73 7.13 22.50 -10.81
CA ALA A 73 5.71 22.84 -10.76
C ALA A 73 4.89 21.64 -11.19
N LEU A 74 3.91 21.27 -10.36
CA LEU A 74 3.11 20.06 -10.57
C LEU A 74 1.67 20.45 -10.81
N ASP A 75 1.08 19.88 -11.86
CA ASP A 75 -0.34 20.11 -12.17
C ASP A 75 -1.18 19.27 -11.20
N VAL A 76 -1.96 19.97 -10.37
CA VAL A 76 -2.75 19.31 -9.32
C VAL A 76 -3.72 18.30 -9.92
N THR A 77 -4.17 18.53 -11.15
CA THR A 77 -5.17 17.65 -11.74
C THR A 77 -4.58 16.31 -12.16
N ASN A 78 -3.27 16.22 -12.36
CA ASN A 78 -2.67 14.95 -12.74
C ASN A 78 -1.31 14.70 -12.09
N ALA A 79 -0.83 15.61 -11.23
CA ALA A 79 0.42 15.44 -10.49
C ALA A 79 1.64 15.37 -11.39
N TYR A 80 1.51 15.75 -12.66
CA TYR A 80 2.64 15.73 -13.57
C TYR A 80 3.37 17.08 -13.57
N VAL A 81 4.64 17.05 -13.93
CA VAL A 81 5.48 18.24 -13.92
C VAL A 81 5.27 19.01 -15.21
N VAL A 82 4.94 20.29 -15.08
CA VAL A 82 4.70 21.13 -16.25
C VAL A 82 5.90 22.04 -16.49
N GLY A 83 6.66 22.33 -15.44
CA GLY A 83 7.83 23.16 -15.63
C GLY A 83 8.68 23.26 -14.38
N TYR A 84 9.66 24.16 -14.44
CA TYR A 84 10.52 24.40 -13.28
C TYR A 84 11.20 25.75 -13.42
N ARG A 85 11.36 26.42 -12.28
CA ARG A 85 12.15 27.64 -12.18
C ARG A 85 13.54 27.30 -11.65
N ALA A 86 14.55 27.92 -12.25
CA ALA A 86 15.94 27.79 -11.80
C ALA A 86 16.54 29.19 -11.73
N GLY A 87 16.63 29.73 -10.52
CA GLY A 87 17.14 31.07 -10.33
C GLY A 87 16.24 32.14 -10.90
N ASN A 88 16.66 32.76 -12.00
CA ASN A 88 15.91 33.85 -12.61
C ASN A 88 15.16 33.42 -13.86
N SER A 89 15.13 32.13 -14.18
CA SER A 89 14.53 31.65 -15.43
C SER A 89 13.56 30.50 -15.15
N ALA A 90 12.43 30.51 -15.86
CA ALA A 90 11.46 29.43 -15.81
C ALA A 90 11.47 28.68 -17.13
N TYR A 91 11.12 27.39 -17.07
CA TYR A 91 11.11 26.54 -18.25
C TYR A 91 9.89 25.63 -18.20
N PHE A 92 9.14 25.58 -19.29
CA PHE A 92 7.90 24.82 -19.36
C PHE A 92 7.91 23.90 -20.57
N PHE A 93 7.38 22.69 -20.39
CA PHE A 93 7.13 21.82 -21.52
C PHE A 93 6.06 22.45 -22.42
N HIS A 94 6.09 22.05 -23.69
CA HIS A 94 5.08 22.52 -24.62
C HIS A 94 3.70 22.04 -24.17
N PRO A 95 2.75 22.94 -23.90
CA PRO A 95 1.43 22.51 -23.42
C PRO A 95 0.66 21.74 -24.49
N ASP A 96 -0.18 20.80 -24.03
CA ASP A 96 -0.97 20.00 -24.94
C ASP A 96 -2.03 20.85 -25.64
N ASN A 97 -2.94 21.42 -24.86
CA ASN A 97 -4.02 22.28 -25.36
C ASN A 97 -3.67 23.74 -25.10
N GLN A 98 -4.66 24.62 -25.16
CA GLN A 98 -4.44 26.05 -24.93
C GLN A 98 -4.95 26.50 -23.57
N GLU A 99 -5.95 25.81 -23.00
CA GLU A 99 -6.38 26.10 -21.64
C GLU A 99 -5.24 25.84 -20.66
N ASP A 100 -4.43 24.81 -20.91
CA ASP A 100 -3.26 24.57 -20.07
C ASP A 100 -2.16 25.59 -20.35
N ALA A 101 -2.13 26.16 -21.56
CA ALA A 101 -1.09 27.13 -21.89
C ALA A 101 -1.28 28.44 -21.15
N GLU A 102 -2.52 28.80 -20.83
CA GLU A 102 -2.79 30.04 -20.12
C GLU A 102 -2.60 29.89 -18.61
N ALA A 103 -2.86 28.69 -18.07
CA ALA A 103 -2.60 28.46 -16.65
C ALA A 103 -1.10 28.47 -16.34
N ILE A 104 -0.27 28.16 -17.33
CA ILE A 104 1.17 28.24 -17.16
C ILE A 104 1.60 29.66 -16.78
N THR A 105 0.89 30.67 -17.27
CA THR A 105 1.25 32.06 -17.01
C THR A 105 1.08 32.46 -15.55
N HIS A 106 0.47 31.61 -14.73
CA HIS A 106 0.31 31.91 -13.31
C HIS A 106 1.42 31.34 -12.44
N LEU A 107 2.45 30.74 -13.02
CA LEU A 107 3.42 30.00 -12.22
C LEU A 107 4.57 30.86 -11.72
N PHE A 108 5.59 31.09 -12.55
CA PHE A 108 6.81 31.77 -12.10
C PHE A 108 6.79 33.19 -12.67
N THR A 109 6.02 34.06 -12.01
CA THR A 109 5.78 35.40 -12.54
C THR A 109 6.90 36.37 -12.20
N ASP A 110 7.57 36.16 -11.07
CA ASP A 110 8.62 37.09 -10.65
C ASP A 110 9.88 36.97 -11.49
N VAL A 111 10.08 35.85 -12.17
CA VAL A 111 11.33 35.62 -12.90
C VAL A 111 11.30 36.37 -14.22
N GLN A 112 12.49 36.62 -14.76
CA GLN A 112 12.64 37.16 -16.10
C GLN A 112 12.87 36.02 -17.09
N ASN A 113 12.43 36.23 -18.33
CA ASN A 113 12.60 35.24 -19.38
C ASN A 113 11.91 33.92 -19.05
N ARG A 114 10.63 33.82 -19.35
CA ARG A 114 9.96 32.52 -19.38
C ARG A 114 10.33 31.81 -20.68
N TYR A 115 10.40 30.48 -20.62
CA TYR A 115 10.73 29.67 -21.77
C TYR A 115 9.78 28.49 -21.87
N THR A 116 9.35 28.19 -23.10
CA THR A 116 8.53 27.02 -23.40
C THR A 116 9.23 26.22 -24.48
N PHE A 117 9.48 24.95 -24.21
CA PHE A 117 10.22 24.11 -25.15
C PHE A 117 9.33 23.71 -26.31
N ALA A 118 9.97 23.39 -27.43
CA ALA A 118 9.24 22.85 -28.57
C ALA A 118 8.78 21.42 -28.34
N PHE A 119 9.10 20.84 -27.19
CA PHE A 119 8.72 19.48 -26.85
C PHE A 119 7.88 19.47 -25.58
N GLY A 120 7.02 18.45 -25.46
CA GLY A 120 6.23 18.26 -24.27
C GLY A 120 6.88 17.32 -23.28
N GLY A 121 6.26 17.19 -22.12
CA GLY A 121 6.84 16.39 -21.05
C GLY A 121 6.37 14.94 -21.02
N ASN A 122 6.23 14.32 -22.18
CA ASN A 122 5.82 12.93 -22.25
C ASN A 122 7.03 12.02 -22.38
N TYR A 123 6.92 10.82 -21.81
CA TYR A 123 8.06 9.92 -21.70
C TYR A 123 8.66 9.59 -23.07
N ASP A 124 7.81 9.21 -24.03
CA ASP A 124 8.35 8.79 -25.32
C ASP A 124 9.17 9.88 -26.00
N ARG A 125 8.84 11.15 -25.78
CA ARG A 125 9.63 12.21 -26.40
C ARG A 125 10.85 12.54 -25.55
N LEU A 126 10.70 12.57 -24.23
CA LEU A 126 11.86 12.71 -23.36
C LEU A 126 12.83 11.55 -23.56
N GLU A 127 12.29 10.34 -23.72
CA GLU A 127 13.14 9.19 -24.06
C GLU A 127 13.84 9.43 -25.38
N GLN A 128 13.14 9.98 -26.37
CA GLN A 128 13.77 10.29 -27.64
C GLN A 128 14.84 11.38 -27.48
N LEU A 129 14.52 12.43 -26.72
CA LEU A 129 15.45 13.53 -26.56
C LEU A 129 16.71 13.10 -25.83
N ALA A 130 16.55 12.28 -24.78
CA ALA A 130 17.69 11.80 -24.00
C ALA A 130 18.42 10.65 -24.67
N GLY A 131 17.88 10.10 -25.76
CA GLY A 131 18.52 8.97 -26.40
C GLY A 131 18.57 7.71 -25.57
N ASN A 132 17.82 7.64 -24.46
CA ASN A 132 17.81 6.47 -23.59
C ASN A 132 16.38 6.21 -23.14
N LEU A 133 16.07 4.94 -22.89
CA LEU A 133 14.75 4.55 -22.42
C LEU A 133 14.68 4.62 -20.90
N ARG A 134 13.45 4.74 -20.38
CA ARG A 134 13.25 4.69 -18.93
C ARG A 134 13.85 3.41 -18.36
N GLU A 135 13.69 2.29 -19.08
CA GLU A 135 14.21 1.00 -18.65
C GLU A 135 15.73 1.00 -18.47
N ASN A 136 16.42 2.08 -18.87
CA ASN A 136 17.87 2.13 -18.79
C ASN A 136 18.41 3.27 -17.93
N ILE A 137 17.64 4.34 -17.72
CA ILE A 137 18.10 5.47 -16.93
C ILE A 137 17.99 5.12 -15.44
N GLU A 138 19.10 5.20 -14.72
CA GLU A 138 19.13 4.81 -13.32
C GLU A 138 18.46 5.86 -12.44
N LEU A 139 17.76 5.37 -11.41
CA LEU A 139 17.04 6.21 -10.46
C LEU A 139 17.59 5.99 -9.06
N GLY A 140 17.35 6.98 -8.19
CA GLY A 140 17.88 6.97 -6.84
C GLY A 140 18.32 8.34 -6.38
N ASN A 141 18.83 8.45 -5.14
CA ASN A 141 19.19 9.75 -4.61
C ASN A 141 20.28 10.42 -5.43
N GLY A 142 21.35 9.67 -5.75
CA GLY A 142 22.40 10.15 -6.61
C GLY A 142 21.89 10.74 -7.91
N PRO A 143 21.17 9.93 -8.71
CA PRO A 143 20.60 10.47 -9.95
C PRO A 143 19.74 11.71 -9.72
N LEU A 144 18.97 11.76 -8.64
CA LEU A 144 18.19 12.96 -8.35
C LEU A 144 19.12 14.14 -8.04
N GLU A 145 20.21 13.88 -7.32
CA GLU A 145 21.18 14.94 -7.04
C GLU A 145 21.77 15.49 -8.32
N GLU A 146 22.30 14.61 -9.16
CA GLU A 146 22.90 15.04 -10.42
C GLU A 146 21.87 15.68 -11.34
N ALA A 147 20.59 15.28 -11.22
CA ALA A 147 19.56 15.87 -12.05
C ALA A 147 19.21 17.28 -11.60
N ILE A 148 19.29 17.54 -10.29
CA ILE A 148 19.04 18.89 -9.78
C ILE A 148 20.06 19.87 -10.33
N SER A 149 21.31 19.45 -10.40
CA SER A 149 22.35 20.30 -10.99
C SER A 149 22.06 20.58 -12.45
N ALA A 150 21.66 19.54 -13.21
CA ALA A 150 21.47 19.72 -14.65
C ALA A 150 20.31 20.67 -14.94
N LEU A 151 19.26 20.64 -14.13
CA LEU A 151 18.17 21.60 -14.34
C LEU A 151 18.62 23.02 -14.01
N TYR A 152 19.54 23.19 -13.05
CA TYR A 152 19.96 24.53 -12.66
C TYR A 152 20.87 25.15 -13.73
N TYR A 153 21.80 24.36 -14.29
CA TYR A 153 22.86 24.89 -15.13
C TYR A 153 22.50 24.98 -16.61
N TYR A 154 21.36 24.40 -17.02
CA TYR A 154 20.93 24.53 -18.41
C TYR A 154 20.64 25.98 -18.78
N SER A 155 20.21 26.77 -17.80
CA SER A 155 19.97 28.20 -18.05
C SER A 155 21.27 28.91 -18.44
N THR A 156 22.37 28.56 -17.77
CA THR A 156 23.68 29.12 -18.04
C THR A 156 24.41 28.39 -19.17
N GLY A 157 23.67 27.65 -20.01
CA GLY A 157 24.29 26.94 -21.11
C GLY A 157 25.21 25.81 -20.73
N GLY A 158 25.29 25.45 -19.46
CA GLY A 158 26.16 24.36 -19.06
C GLY A 158 25.59 22.99 -19.39
N THR A 159 24.29 22.82 -19.17
CA THR A 159 23.62 21.54 -19.42
C THR A 159 23.14 21.48 -20.86
N GLN A 160 23.37 20.33 -21.50
CA GLN A 160 22.87 20.09 -22.85
C GLN A 160 21.49 19.46 -22.80
N LEU A 161 20.82 19.45 -23.95
CA LEU A 161 19.42 19.02 -24.00
C LEU A 161 19.23 17.55 -23.62
N PRO A 162 20.02 16.58 -24.11
CA PRO A 162 19.81 15.19 -23.69
C PRO A 162 19.90 14.99 -22.19
N THR A 163 20.94 15.56 -21.55
CA THR A 163 21.03 15.47 -20.10
C THR A 163 19.86 16.18 -19.43
N LEU A 164 19.37 17.28 -20.04
CA LEU A 164 18.18 17.94 -19.53
C LEU A 164 16.99 16.98 -19.54
N ALA A 165 16.70 16.40 -20.70
CA ALA A 165 15.57 15.48 -20.81
C ALA A 165 15.72 14.29 -19.85
N ARG A 166 16.94 13.77 -19.73
CA ARG A 166 17.18 12.65 -18.83
C ARG A 166 16.93 13.05 -17.38
N SER A 167 17.25 14.30 -17.03
CA SER A 167 16.94 14.79 -15.69
C SER A 167 15.44 14.85 -15.47
N PHE A 168 14.69 15.21 -16.51
CA PHE A 168 13.23 15.23 -16.40
C PHE A 168 12.67 13.85 -16.12
N ILE A 169 13.17 12.82 -16.82
CA ILE A 169 12.69 11.47 -16.60
C ILE A 169 12.95 11.02 -15.17
N ILE A 170 14.09 11.43 -14.60
CA ILE A 170 14.38 11.08 -13.21
C ILE A 170 13.37 11.76 -12.27
N CYS A 171 13.29 13.09 -12.34
CA CYS A 171 12.45 13.82 -11.42
C CYS A 171 10.99 13.38 -11.52
N ILE A 172 10.47 13.26 -12.74
CA ILE A 172 9.08 12.88 -12.91
C ILE A 172 8.81 11.51 -12.30
N GLN A 173 9.70 10.56 -12.53
CA GLN A 173 9.54 9.24 -11.93
C GLN A 173 9.71 9.31 -10.42
N MET A 174 10.72 10.03 -9.94
CA MET A 174 10.99 10.04 -8.50
C MET A 174 10.03 10.89 -7.70
N ILE A 175 9.18 11.68 -8.36
CA ILE A 175 8.27 12.57 -7.66
C ILE A 175 6.83 12.28 -8.06
N SER A 176 6.52 12.51 -9.34
CA SER A 176 5.14 12.32 -9.81
C SER A 176 4.69 10.88 -9.61
N GLU A 177 5.48 9.93 -10.12
CA GLU A 177 5.07 8.53 -10.03
C GLU A 177 5.06 8.05 -8.59
N ALA A 178 6.05 8.45 -7.79
CA ALA A 178 6.08 8.05 -6.39
C ALA A 178 4.91 8.62 -5.62
N ALA A 179 4.39 9.76 -6.07
CA ALA A 179 3.17 10.30 -5.47
C ALA A 179 1.96 9.49 -5.90
N ARG A 180 1.91 9.06 -7.15
CA ARG A 180 0.75 8.32 -7.64
C ARG A 180 0.70 6.93 -7.06
N PHE A 181 1.85 6.30 -6.83
CA PHE A 181 1.93 4.91 -6.45
C PHE A 181 2.70 4.75 -5.16
N GLN A 182 2.10 4.06 -4.17
CA GLN A 182 2.87 3.62 -3.03
C GLN A 182 3.91 2.58 -3.44
N TYR A 183 3.68 1.89 -4.55
CA TYR A 183 4.64 0.88 -5.02
C TYR A 183 5.91 1.55 -5.53
N ILE A 184 5.77 2.50 -6.44
CA ILE A 184 6.93 3.16 -7.01
C ILE A 184 7.67 3.97 -5.96
N GLU A 185 6.93 4.58 -5.02
CA GLU A 185 7.59 5.17 -3.87
C GLU A 185 8.42 4.14 -3.11
N GLY A 186 7.87 2.93 -2.94
CA GLY A 186 8.63 1.87 -2.30
C GLY A 186 9.86 1.47 -3.08
N GLU A 187 9.81 1.59 -4.40
CA GLU A 187 10.99 1.32 -5.21
C GLU A 187 12.07 2.37 -4.96
N MET A 188 11.69 3.65 -4.85
CA MET A 188 12.65 4.67 -4.45
C MET A 188 13.01 4.53 -2.98
N ARG A 189 12.09 3.98 -2.18
CA ARG A 189 12.37 3.73 -0.77
C ARG A 189 13.56 2.81 -0.61
N THR A 190 13.54 1.65 -1.27
CA THR A 190 14.63 0.70 -1.11
C THR A 190 15.90 1.17 -1.80
N ARG A 191 15.81 2.15 -2.69
CA ARG A 191 17.02 2.68 -3.30
C ARG A 191 17.78 3.59 -2.34
N ILE A 192 17.06 4.44 -1.60
CA ILE A 192 17.70 5.24 -0.55
C ILE A 192 18.30 4.33 0.51
N ARG A 193 17.57 3.26 0.86
CA ARG A 193 17.97 2.40 1.95
C ARG A 193 19.33 1.77 1.71
N TYR A 194 19.64 1.42 0.46
CA TYR A 194 20.89 0.74 0.14
C TYR A 194 21.84 1.59 -0.70
N ASN A 195 21.51 2.86 -0.95
CA ASN A 195 22.33 3.76 -1.77
C ASN A 195 22.61 3.13 -3.14
N ARG A 196 21.53 2.85 -3.86
CA ARG A 196 21.58 2.19 -5.16
C ARG A 196 21.29 3.17 -6.28
N ARG A 197 21.92 2.94 -7.43
CA ARG A 197 21.58 3.59 -8.69
C ARG A 197 21.04 2.48 -9.60
N SER A 198 19.72 2.42 -9.74
CA SER A 198 19.08 1.31 -10.43
C SER A 198 17.98 1.82 -11.34
N ALA A 199 17.97 1.33 -12.58
CA ALA A 199 16.85 1.60 -13.47
C ALA A 199 15.61 0.84 -13.02
N PRO A 200 14.42 1.31 -13.37
CA PRO A 200 13.20 0.68 -12.88
C PRO A 200 12.90 -0.64 -13.60
N ASP A 201 12.16 -1.50 -12.90
CA ASP A 201 11.74 -2.78 -13.45
C ASP A 201 10.71 -2.57 -14.54
N PRO A 202 10.42 -3.60 -15.34
CA PRO A 202 9.19 -3.57 -16.14
C PRO A 202 7.95 -3.42 -15.28
N SER A 203 8.05 -3.74 -13.99
CA SER A 203 6.93 -3.54 -13.06
C SER A 203 6.63 -2.07 -12.90
N VAL A 204 7.67 -1.25 -12.70
CA VAL A 204 7.47 0.20 -12.55
C VAL A 204 7.06 0.83 -13.87
N ILE A 205 7.68 0.41 -14.97
CA ILE A 205 7.37 0.99 -16.27
C ILE A 205 5.91 0.77 -16.62
N THR A 206 5.43 -0.47 -16.50
CA THR A 206 4.05 -0.77 -16.86
C THR A 206 3.07 0.02 -16.00
N LEU A 207 3.36 0.15 -14.69
CA LEU A 207 2.50 0.97 -13.84
C LEU A 207 2.44 2.41 -14.32
N GLU A 208 3.58 2.98 -14.69
CA GLU A 208 3.60 4.36 -15.16
C GLU A 208 2.79 4.51 -16.44
N ASN A 209 2.91 3.54 -17.34
CA ASN A 209 2.19 3.57 -18.61
C ASN A 209 0.71 3.22 -18.46
N SER A 210 0.30 2.69 -17.31
CA SER A 210 -1.08 2.27 -17.10
C SER A 210 -1.89 3.24 -16.25
N TRP A 211 -1.24 4.28 -15.70
CA TRP A 211 -1.88 5.13 -14.69
C TRP A 211 -3.19 5.71 -15.21
N GLY A 212 -3.17 6.33 -16.39
CA GLY A 212 -4.39 6.90 -16.93
C GLY A 212 -5.48 5.86 -17.10
N ARG A 213 -5.12 4.71 -17.67
CA ARG A 213 -6.10 3.64 -17.82
C ARG A 213 -6.50 3.07 -16.46
N LEU A 214 -5.54 2.96 -15.54
CA LEU A 214 -5.89 2.43 -14.22
C LEU A 214 -6.89 3.33 -13.51
N SER A 215 -6.80 4.64 -13.70
CA SER A 215 -7.77 5.54 -13.08
C SER A 215 -9.14 5.39 -13.72
N THR A 216 -9.21 5.32 -15.05
CA THR A 216 -10.49 5.16 -15.73
C THR A 216 -11.21 3.90 -15.27
N ALA A 217 -10.51 2.77 -15.31
CA ALA A 217 -11.15 1.49 -15.03
C ALA A 217 -11.61 1.39 -13.58
N ILE A 218 -10.82 1.91 -12.64
CA ILE A 218 -11.22 1.89 -11.23
C ILE A 218 -12.44 2.78 -10.99
N GLN A 219 -12.41 4.01 -11.51
CA GLN A 219 -13.56 4.89 -11.35
C GLN A 219 -14.75 4.36 -12.16
N GLU A 220 -14.54 4.05 -13.43
CA GLU A 220 -15.62 3.47 -14.22
C GLU A 220 -15.95 2.07 -13.82
N SER A 221 -15.34 1.52 -12.78
CA SER A 221 -15.65 0.18 -12.36
C SER A 221 -17.06 0.08 -11.79
N ASN A 222 -17.62 -1.13 -11.86
CA ASN A 222 -18.68 -1.49 -10.94
C ASN A 222 -18.16 -1.27 -9.53
N GLN A 223 -19.06 -1.31 -8.54
CA GLN A 223 -18.68 -0.93 -7.17
C GLN A 223 -17.37 -1.56 -6.72
N GLY A 224 -16.92 -2.63 -7.38
CA GLY A 224 -15.56 -3.11 -7.18
C GLY A 224 -14.84 -3.52 -8.46
N ALA A 225 -15.55 -4.17 -9.38
CA ALA A 225 -14.95 -4.95 -10.44
C ALA A 225 -14.78 -4.13 -11.73
N PHE A 226 -13.66 -4.38 -12.42
CA PHE A 226 -13.43 -3.80 -13.74
C PHE A 226 -14.30 -4.48 -14.78
N ALA A 227 -14.70 -3.69 -15.79
CA ALA A 227 -15.37 -4.25 -16.95
C ALA A 227 -14.41 -4.96 -17.89
N SER A 228 -13.13 -4.60 -17.84
CA SER A 228 -12.10 -5.17 -18.70
C SER A 228 -10.80 -5.23 -17.93
N PRO A 229 -9.94 -6.22 -18.19
CA PRO A 229 -8.68 -6.33 -17.46
C PRO A 229 -7.65 -5.31 -17.92
N ILE A 230 -6.63 -5.14 -17.08
CA ILE A 230 -5.50 -4.25 -17.35
C ILE A 230 -4.22 -5.03 -17.04
N GLN A 231 -3.49 -5.41 -18.09
CA GLN A 231 -2.35 -6.28 -17.91
C GLN A 231 -1.18 -5.52 -17.30
N LEU A 232 -0.44 -6.19 -16.41
CA LEU A 232 0.63 -5.56 -15.66
C LEU A 232 1.88 -6.44 -15.72
N GLN A 233 2.79 -6.20 -14.77
CA GLN A 233 4.06 -6.91 -14.73
C GLN A 233 4.47 -7.26 -13.30
N ARG A 234 5.15 -8.40 -13.19
CA ARG A 234 5.95 -8.69 -12.03
C ARG A 234 7.29 -7.97 -12.14
N ARG A 235 7.98 -7.85 -11.00
CA ARG A 235 9.33 -7.29 -11.00
C ARG A 235 10.19 -7.98 -12.05
N ASN A 236 10.01 -9.27 -12.24
CA ASN A 236 10.50 -9.94 -13.44
C ASN A 236 9.39 -9.91 -14.49
N GLY A 237 9.74 -9.51 -15.70
CA GLY A 237 8.75 -9.34 -16.75
C GLY A 237 7.91 -10.58 -16.98
N SER A 238 6.64 -10.55 -16.59
CA SER A 238 5.81 -11.75 -16.59
C SER A 238 4.37 -11.40 -16.92
N LYS A 239 3.60 -12.42 -17.29
CA LYS A 239 2.18 -12.25 -17.58
C LYS A 239 1.37 -12.25 -16.29
N PHE A 240 0.52 -11.22 -16.12
CA PHE A 240 -0.58 -11.30 -15.17
C PHE A 240 -1.47 -10.08 -15.38
N SER A 241 -2.78 -10.29 -15.25
CA SER A 241 -3.78 -9.25 -15.43
C SER A 241 -4.57 -9.06 -14.14
N VAL A 242 -5.12 -7.87 -13.97
CA VAL A 242 -5.90 -7.52 -12.80
C VAL A 242 -7.36 -7.33 -13.21
N TYR A 243 -8.28 -7.91 -12.44
CA TYR A 243 -9.70 -7.83 -12.73
C TYR A 243 -10.51 -7.12 -11.64
N ASP A 244 -9.93 -6.86 -10.48
CA ASP A 244 -10.63 -6.18 -9.40
C ASP A 244 -9.69 -5.19 -8.72
N VAL A 245 -10.28 -4.21 -8.03
CA VAL A 245 -9.53 -3.13 -7.41
C VAL A 245 -8.83 -3.53 -6.12
N SER A 246 -9.14 -4.71 -5.56
CA SER A 246 -8.57 -5.10 -4.28
C SER A 246 -7.04 -5.10 -4.31
N ILE A 247 -6.47 -5.75 -5.33
CA ILE A 247 -5.01 -5.87 -5.41
C ILE A 247 -4.34 -4.52 -5.61
N LEU A 248 -5.06 -3.52 -6.12
CA LEU A 248 -4.45 -2.23 -6.45
C LEU A 248 -4.46 -1.23 -5.30
N ILE A 249 -5.26 -1.46 -4.25
CA ILE A 249 -5.38 -0.47 -3.17
C ILE A 249 -4.04 -0.17 -2.51
N PRO A 250 -3.21 -1.15 -2.12
CA PRO A 250 -1.90 -0.81 -1.57
C PRO A 250 -0.90 -0.34 -2.62
N ILE A 251 -1.30 -0.20 -3.88
CA ILE A 251 -0.39 0.17 -4.96
C ILE A 251 -0.62 1.61 -5.43
N ILE A 252 -1.87 1.96 -5.74
CA ILE A 252 -2.19 3.28 -6.28
C ILE A 252 -2.54 4.23 -5.15
N ALA A 253 -1.84 5.37 -5.09
CA ALA A 253 -2.09 6.36 -4.05
C ALA A 253 -2.93 7.53 -4.54
N LEU A 254 -2.90 7.84 -5.84
CA LEU A 254 -3.61 8.97 -6.40
C LEU A 254 -4.15 8.62 -7.77
N MET A 255 -5.34 9.14 -8.10
CA MET A 255 -5.98 8.94 -9.40
C MET A 255 -6.42 10.28 -9.97
N VAL A 256 -6.28 10.42 -11.29
CA VAL A 256 -6.82 11.59 -11.96
C VAL A 256 -8.35 11.52 -11.97
N TYR A 257 -9.00 12.67 -11.85
CA TYR A 257 -10.44 12.72 -11.93
C TYR A 257 -10.89 12.39 -13.34
N ARG A 258 -11.95 11.60 -13.46
CA ARG A 258 -12.44 11.20 -14.77
C ARG A 258 -13.96 11.35 -14.86
N CYS A 259 -14.65 11.24 -13.73
CA CYS A 259 -16.10 11.35 -13.71
C CYS A 259 -16.55 11.45 -12.25
N ALA A 260 -17.86 11.64 -12.06
CA ALA A 260 -18.50 11.83 -10.77
C ALA A 260 -19.07 10.51 -10.24
N PRO A 261 -18.95 10.25 -8.92
CA PRO A 261 -19.41 9.02 -8.28
C PRO A 261 -20.87 8.68 -8.58
N VAL B 3 -21.06 12.05 -15.05
CA VAL B 3 -21.30 11.00 -14.07
C VAL B 3 -20.69 9.68 -14.55
N CYS B 4 -20.09 8.94 -13.61
CA CYS B 4 -19.29 7.78 -13.97
C CYS B 4 -20.10 6.71 -14.66
N MET B 5 -19.48 6.05 -15.63
CA MET B 5 -20.12 4.99 -16.38
C MET B 5 -20.46 3.81 -15.48
N ASP B 6 -21.57 3.14 -15.78
CA ASP B 6 -22.00 1.96 -15.04
C ASP B 6 -21.86 0.73 -15.91
N PRO B 7 -20.82 -0.07 -15.75
CA PRO B 7 -20.70 -1.32 -16.49
C PRO B 7 -21.33 -2.47 -15.71
N GLU B 8 -21.41 -3.63 -16.38
CA GLU B 8 -21.91 -4.86 -15.79
C GLU B 8 -20.95 -5.99 -16.14
N PRO B 9 -19.86 -6.11 -15.39
CA PRO B 9 -18.85 -7.13 -15.72
C PRO B 9 -19.30 -8.54 -15.36
N ILE B 10 -18.97 -9.48 -16.23
CA ILE B 10 -19.11 -10.91 -15.95
C ILE B 10 -17.78 -11.41 -15.41
N VAL B 11 -17.80 -12.12 -14.28
CA VAL B 11 -16.57 -12.45 -13.56
C VAL B 11 -16.85 -13.61 -12.61
N ARG B 12 -15.79 -14.35 -12.27
CA ARG B 12 -15.90 -15.38 -11.24
C ARG B 12 -15.70 -14.77 -9.86
N ILE B 13 -16.43 -15.28 -8.88
CA ILE B 13 -16.38 -14.78 -7.52
C ILE B 13 -15.62 -15.83 -6.71
N VAL B 14 -14.30 -15.62 -6.60
CA VAL B 14 -13.47 -16.54 -5.83
C VAL B 14 -13.60 -16.22 -4.36
N GLY B 15 -13.59 -17.25 -3.51
CA GLY B 15 -13.81 -17.06 -2.09
C GLY B 15 -12.96 -17.88 -1.15
N ARG B 16 -13.62 -18.60 -0.23
CA ARG B 16 -12.89 -19.29 0.84
C ARG B 16 -11.98 -20.38 0.28
N ASN B 17 -10.74 -20.40 0.75
CA ASN B 17 -9.72 -21.39 0.38
C ASN B 17 -9.42 -21.39 -1.12
N GLY B 18 -9.68 -20.29 -1.81
CA GLY B 18 -9.36 -20.22 -3.22
C GLY B 18 -10.40 -20.84 -4.13
N LEU B 19 -11.52 -21.30 -3.59
CA LEU B 19 -12.55 -21.90 -4.41
C LEU B 19 -13.54 -20.84 -4.85
N CYS B 20 -14.16 -21.06 -6.02
CA CYS B 20 -15.03 -20.09 -6.64
C CYS B 20 -16.49 -20.28 -6.21
N VAL B 21 -17.33 -19.34 -6.62
CA VAL B 21 -18.77 -19.41 -6.37
C VAL B 21 -19.42 -20.15 -7.53
N ASP B 22 -20.13 -21.24 -7.22
CA ASP B 22 -20.70 -22.11 -8.23
C ASP B 22 -22.14 -22.44 -7.85
N VAL B 23 -22.97 -22.67 -8.86
CA VAL B 23 -24.30 -23.22 -8.64
C VAL B 23 -24.19 -24.74 -8.70
N ARG B 24 -24.84 -25.42 -7.75
CA ARG B 24 -24.64 -26.85 -7.56
C ARG B 24 -24.97 -27.62 -8.83
N ASP B 25 -24.00 -28.39 -9.31
CA ASP B 25 -24.17 -29.35 -10.40
C ASP B 25 -24.53 -28.71 -11.74
N GLY B 26 -24.55 -27.38 -11.81
CA GLY B 26 -25.03 -26.73 -13.01
C GLY B 26 -26.53 -26.79 -13.22
N ARG B 27 -27.29 -27.14 -12.19
CA ARG B 27 -28.75 -27.12 -12.28
C ARG B 27 -29.25 -25.71 -12.04
N PHE B 28 -30.05 -25.19 -12.97
CA PHE B 28 -30.53 -23.81 -12.88
C PHE B 28 -32.00 -23.71 -12.50
N HIS B 29 -32.62 -24.81 -12.08
CA HIS B 29 -34.01 -24.75 -11.66
C HIS B 29 -34.13 -23.97 -10.36
N ASN B 30 -35.20 -23.18 -10.24
CA ASN B 30 -35.37 -22.22 -9.16
C ASN B 30 -35.35 -22.90 -7.79
N GLY B 31 -34.29 -22.66 -7.02
CA GLY B 31 -34.19 -23.18 -5.67
C GLY B 31 -32.93 -23.99 -5.41
N ASN B 32 -32.21 -24.36 -6.46
CA ASN B 32 -31.01 -25.17 -6.33
C ASN B 32 -29.96 -24.41 -5.52
N ALA B 33 -29.15 -25.18 -4.78
CA ALA B 33 -28.19 -24.57 -3.87
C ALA B 33 -27.04 -23.92 -4.63
N ILE B 34 -26.58 -22.79 -4.13
CA ILE B 34 -25.33 -22.18 -4.61
C ILE B 34 -24.20 -22.78 -3.79
N GLN B 35 -23.07 -23.02 -4.45
CA GLN B 35 -22.06 -23.96 -3.97
C GLN B 35 -20.67 -23.32 -3.99
N LEU B 36 -19.82 -23.81 -3.10
CA LEU B 36 -18.39 -23.50 -3.11
C LEU B 36 -17.68 -24.64 -3.84
N TRP B 37 -16.93 -24.32 -4.89
CA TRP B 37 -16.42 -25.34 -5.79
C TRP B 37 -15.08 -24.90 -6.36
N PRO B 38 -14.20 -25.84 -6.72
CA PRO B 38 -12.95 -25.47 -7.38
C PRO B 38 -13.19 -24.65 -8.64
N CYS B 39 -12.31 -23.68 -8.87
CA CYS B 39 -12.46 -22.77 -9.99
C CYS B 39 -12.13 -23.47 -11.30
N LYS B 40 -13.04 -23.35 -12.26
CA LYS B 40 -12.86 -23.98 -13.56
C LYS B 40 -12.18 -23.03 -14.54
N SER B 41 -11.74 -23.60 -15.66
CA SER B 41 -11.19 -22.84 -16.77
C SER B 41 -12.00 -23.12 -18.03
N ASN B 42 -13.30 -22.80 -17.99
CA ASN B 42 -14.21 -23.16 -19.06
C ASN B 42 -15.09 -21.96 -19.37
N THR B 43 -16.20 -22.20 -20.08
CA THR B 43 -17.15 -21.16 -20.44
C THR B 43 -18.54 -21.39 -19.88
N ASP B 44 -18.75 -22.44 -19.09
CA ASP B 44 -20.08 -22.75 -18.59
C ASP B 44 -20.55 -21.66 -17.64
N ALA B 45 -21.80 -21.23 -17.81
CA ALA B 45 -22.34 -20.12 -17.04
C ALA B 45 -22.56 -20.43 -15.56
N ASN B 46 -22.27 -21.67 -15.13
CA ASN B 46 -22.53 -22.05 -13.75
C ASN B 46 -21.59 -21.37 -12.76
N GLN B 47 -20.45 -20.85 -13.23
CA GLN B 47 -19.44 -20.27 -12.37
C GLN B 47 -19.13 -18.82 -12.70
N LEU B 48 -19.73 -18.27 -13.76
CA LEU B 48 -19.51 -16.89 -14.18
C LEU B 48 -20.72 -16.06 -13.80
N TRP B 49 -20.47 -14.92 -13.14
CA TRP B 49 -21.54 -14.11 -12.56
C TRP B 49 -21.47 -12.69 -13.11
N THR B 50 -22.62 -12.15 -13.50
CA THR B 50 -22.72 -10.80 -14.04
C THR B 50 -23.19 -9.87 -12.94
N LEU B 51 -22.39 -8.85 -12.64
CA LEU B 51 -22.72 -7.86 -11.62
C LEU B 51 -23.46 -6.71 -12.30
N LYS B 52 -24.79 -6.78 -12.26
CA LYS B 52 -25.62 -5.79 -12.95
C LYS B 52 -25.76 -4.52 -12.12
N ARG B 53 -26.40 -3.52 -12.72
CA ARG B 53 -26.50 -2.19 -12.11
C ARG B 53 -27.52 -2.13 -10.98
N ASP B 54 -28.55 -3.00 -11.01
CA ASP B 54 -29.57 -3.02 -9.97
C ASP B 54 -29.11 -3.73 -8.70
N ASN B 55 -27.80 -3.90 -8.52
CA ASN B 55 -27.20 -4.56 -7.35
C ASN B 55 -27.65 -6.03 -7.29
N THR B 56 -27.36 -6.75 -8.36
CA THR B 56 -27.77 -8.15 -8.46
C THR B 56 -26.68 -8.98 -9.12
N ILE B 57 -26.41 -10.14 -8.53
CA ILE B 57 -25.42 -11.07 -9.05
C ILE B 57 -26.16 -12.21 -9.74
N ARG B 58 -25.91 -12.38 -11.04
CA ARG B 58 -26.71 -13.26 -11.89
C ARG B 58 -25.83 -14.27 -12.62
N SER B 59 -26.33 -15.50 -12.73
CA SER B 59 -25.68 -16.56 -13.47
C SER B 59 -26.66 -17.12 -14.50
N ASN B 60 -26.30 -17.03 -15.78
CA ASN B 60 -27.13 -17.48 -16.89
C ASN B 60 -28.50 -16.80 -16.88
N GLY B 61 -28.57 -15.59 -16.32
CA GLY B 61 -29.79 -14.82 -16.29
C GLY B 61 -30.62 -14.96 -15.03
N LYS B 62 -30.14 -15.71 -14.04
CA LYS B 62 -30.90 -15.94 -12.83
C LYS B 62 -30.16 -15.41 -11.61
N CYS B 63 -30.94 -15.09 -10.58
CA CYS B 63 -30.45 -14.36 -9.43
C CYS B 63 -29.82 -15.27 -8.39
N LEU B 64 -28.71 -14.80 -7.82
CA LEU B 64 -28.19 -15.34 -6.56
C LEU B 64 -29.07 -14.81 -5.43
N THR B 65 -29.88 -15.69 -4.85
CA THR B 65 -30.91 -15.28 -3.89
C THR B 65 -30.74 -16.00 -2.57
N THR B 66 -30.66 -15.23 -1.49
CA THR B 66 -30.68 -15.80 -0.15
C THR B 66 -32.06 -16.35 0.17
N TYR B 67 -32.09 -17.42 0.96
CA TYR B 67 -33.37 -18.03 1.32
C TYR B 67 -34.23 -17.07 2.13
N GLY B 68 -33.68 -16.55 3.22
CA GLY B 68 -34.42 -15.62 4.05
C GLY B 68 -33.52 -14.51 4.57
N TYR B 69 -33.87 -13.96 5.73
CA TYR B 69 -33.20 -12.82 6.32
C TYR B 69 -32.78 -13.11 7.75
N SER B 70 -32.17 -14.28 7.96
CA SER B 70 -31.76 -14.73 9.28
C SER B 70 -30.53 -15.61 9.13
N PRO B 71 -29.66 -15.65 10.14
CA PRO B 71 -28.40 -16.42 10.00
C PRO B 71 -28.67 -17.90 9.84
N GLY B 72 -27.99 -18.51 8.86
CA GLY B 72 -28.04 -19.94 8.62
C GLY B 72 -28.67 -20.33 7.29
N VAL B 73 -29.60 -19.51 6.80
CA VAL B 73 -30.29 -19.86 5.56
C VAL B 73 -29.31 -19.81 4.39
N TYR B 74 -29.48 -20.73 3.45
CA TYR B 74 -28.58 -20.83 2.31
C TYR B 74 -29.03 -19.90 1.20
N VAL B 75 -28.20 -19.80 0.17
CA VAL B 75 -28.51 -18.98 -1.00
C VAL B 75 -28.79 -19.90 -2.18
N MET B 76 -29.83 -19.56 -2.93
CA MET B 76 -30.27 -20.37 -4.05
C MET B 76 -30.26 -19.55 -5.33
N ILE B 77 -30.10 -20.24 -6.45
CA ILE B 77 -30.31 -19.63 -7.75
C ILE B 77 -31.82 -19.55 -8.00
N TYR B 78 -32.28 -18.41 -8.53
CA TYR B 78 -33.71 -18.21 -8.70
C TYR B 78 -33.95 -17.19 -9.80
N ASP B 79 -35.11 -17.28 -10.43
CA ASP B 79 -35.50 -16.30 -11.44
C ASP B 79 -35.62 -14.92 -10.82
N CYS B 80 -34.98 -13.94 -11.46
CA CYS B 80 -34.82 -12.62 -10.84
C CYS B 80 -36.15 -11.90 -10.67
N ASN B 81 -37.03 -12.01 -11.67
CA ASN B 81 -38.31 -11.31 -11.59
C ASN B 81 -39.27 -11.98 -10.61
N THR B 82 -39.27 -13.31 -10.56
CA THR B 82 -40.21 -14.03 -9.69
C THR B 82 -39.77 -14.00 -8.23
N ALA B 83 -38.47 -13.87 -7.97
CA ALA B 83 -37.99 -13.85 -6.60
C ALA B 83 -38.33 -12.52 -5.93
N ALA B 84 -38.15 -12.49 -4.61
CA ALA B 84 -38.35 -11.27 -3.85
C ALA B 84 -37.23 -10.28 -4.14
N THR B 85 -37.60 -9.03 -4.43
CA THR B 85 -36.63 -8.02 -4.82
C THR B 85 -35.56 -7.83 -3.75
N ASP B 86 -35.97 -7.80 -2.47
CA ASP B 86 -35.05 -7.47 -1.39
C ASP B 86 -34.01 -8.56 -1.16
N ALA B 87 -34.34 -9.81 -1.48
CA ALA B 87 -33.40 -10.92 -1.29
C ALA B 87 -32.45 -11.10 -2.46
N THR B 88 -32.77 -10.53 -3.62
CA THR B 88 -31.90 -10.65 -4.79
C THR B 88 -30.76 -9.65 -4.79
N ARG B 89 -30.73 -8.72 -3.84
CA ARG B 89 -29.82 -7.58 -3.88
C ARG B 89 -28.57 -7.84 -3.04
N TRP B 90 -27.43 -7.36 -3.53
CA TRP B 90 -26.16 -7.51 -2.84
C TRP B 90 -25.28 -6.30 -3.12
N GLN B 91 -24.57 -5.83 -2.10
CA GLN B 91 -23.58 -4.77 -2.23
C GLN B 91 -22.22 -5.36 -1.90
N ILE B 92 -21.33 -5.40 -2.89
CA ILE B 92 -19.98 -5.88 -2.67
C ILE B 92 -19.12 -4.71 -2.19
N TRP B 93 -18.59 -4.83 -0.99
CA TRP B 93 -17.79 -3.80 -0.39
C TRP B 93 -16.31 -4.04 -0.64
N ASP B 94 -15.54 -2.97 -0.64
CA ASP B 94 -14.10 -3.01 -0.90
C ASP B 94 -13.33 -3.73 0.21
N ASN B 95 -14.02 -4.24 1.24
CA ASN B 95 -13.40 -5.02 2.30
C ASN B 95 -13.45 -6.52 2.01
N GLY B 96 -14.07 -6.94 0.92
CA GLY B 96 -14.14 -8.32 0.54
C GLY B 96 -15.44 -9.01 0.89
N THR B 97 -16.25 -8.42 1.77
CA THR B 97 -17.53 -9.03 2.08
C THR B 97 -18.51 -8.80 0.94
N ILE B 98 -19.56 -9.62 0.91
CA ILE B 98 -20.68 -9.43 0.00
C ILE B 98 -21.95 -9.46 0.86
N ILE B 99 -22.59 -8.30 1.01
CA ILE B 99 -23.65 -8.11 1.99
C ILE B 99 -24.96 -7.82 1.26
N ASN B 100 -26.07 -8.14 1.95
CA ASN B 100 -27.47 -7.89 1.58
C ASN B 100 -27.99 -6.70 2.37
N PRO B 101 -28.53 -5.66 1.70
CA PRO B 101 -28.87 -4.43 2.43
C PRO B 101 -29.83 -4.66 3.59
N ARG B 102 -30.89 -5.43 3.38
CA ARG B 102 -31.75 -5.81 4.47
C ARG B 102 -31.28 -7.14 5.05
N SER B 103 -31.40 -7.26 6.38
CA SER B 103 -31.05 -8.43 7.19
C SER B 103 -29.62 -8.39 7.71
N SER B 104 -28.77 -7.53 7.15
CA SER B 104 -27.40 -7.31 7.64
C SER B 104 -26.62 -8.61 7.72
N LEU B 105 -26.75 -9.44 6.69
CA LEU B 105 -26.16 -10.77 6.68
C LEU B 105 -25.23 -10.88 5.48
N VAL B 106 -24.00 -11.31 5.72
CA VAL B 106 -22.99 -11.40 4.68
C VAL B 106 -22.86 -12.84 4.21
N LEU B 107 -22.55 -12.99 2.92
CA LEU B 107 -22.34 -14.32 2.35
C LEU B 107 -21.16 -15.00 3.03
N ALA B 108 -21.44 -16.11 3.71
CA ALA B 108 -20.43 -16.87 4.43
C ALA B 108 -20.36 -18.28 3.88
N ALA B 109 -19.15 -18.86 3.93
CA ALA B 109 -18.90 -20.24 3.57
C ALA B 109 -18.46 -20.95 4.84
N THR B 110 -19.41 -21.57 5.54
CA THR B 110 -19.11 -22.20 6.82
C THR B 110 -18.29 -23.50 6.70
N SER B 111 -17.71 -23.81 5.54
CA SER B 111 -16.87 -24.99 5.40
C SER B 111 -15.99 -24.82 4.17
N GLY B 112 -14.68 -24.99 4.34
CA GLY B 112 -13.76 -24.91 3.23
C GLY B 112 -13.75 -26.12 2.31
N ASN B 113 -14.47 -27.18 2.66
CA ASN B 113 -14.54 -28.37 1.81
C ASN B 113 -15.26 -28.05 0.51
N SER B 114 -14.86 -28.77 -0.55
CA SER B 114 -15.49 -28.60 -1.84
C SER B 114 -16.92 -29.12 -1.81
N GLY B 115 -17.87 -28.30 -2.24
CA GLY B 115 -19.27 -28.66 -2.21
C GLY B 115 -20.08 -28.03 -1.10
N THR B 116 -19.51 -27.09 -0.36
CA THR B 116 -20.21 -26.46 0.75
C THR B 116 -21.30 -25.52 0.23
N THR B 117 -22.53 -25.74 0.69
CA THR B 117 -23.61 -24.83 0.35
C THR B 117 -23.38 -23.48 1.02
N LEU B 118 -23.45 -22.42 0.23
CA LEU B 118 -23.17 -21.08 0.74
C LEU B 118 -24.36 -20.59 1.54
N THR B 119 -24.18 -20.48 2.85
CA THR B 119 -25.20 -19.89 3.71
C THR B 119 -24.93 -18.39 3.82
N VAL B 120 -25.69 -17.72 4.68
CA VAL B 120 -25.52 -16.30 4.94
C VAL B 120 -25.54 -16.10 6.45
N GLN B 121 -24.50 -15.46 6.99
CA GLN B 121 -24.27 -15.45 8.42
C GLN B 121 -24.05 -14.03 8.91
N THR B 122 -23.94 -13.91 10.24
CA THR B 122 -23.68 -12.62 10.87
C THR B 122 -22.30 -12.12 10.50
N ASN B 123 -22.19 -10.80 10.29
CA ASN B 123 -20.93 -10.19 9.87
C ASN B 123 -19.98 -10.16 11.05
N ILE B 124 -19.11 -11.15 11.14
CA ILE B 124 -17.97 -11.13 12.05
C ILE B 124 -16.66 -10.96 11.27
N TYR B 125 -16.76 -10.62 9.98
CA TYR B 125 -15.60 -10.39 9.10
C TYR B 125 -14.65 -11.58 9.08
N ALA B 126 -15.22 -12.77 8.86
CA ALA B 126 -14.45 -14.01 8.84
C ALA B 126 -13.90 -14.27 7.44
N VAL B 127 -12.86 -15.11 7.39
CA VAL B 127 -12.34 -15.57 6.10
C VAL B 127 -13.42 -16.31 5.34
N SER B 128 -14.32 -16.98 6.06
CA SER B 128 -15.47 -17.63 5.42
C SER B 128 -16.29 -16.63 4.62
N GLN B 129 -16.43 -15.40 5.12
CA GLN B 129 -17.23 -14.37 4.49
C GLN B 129 -16.36 -13.26 3.89
N GLY B 130 -15.27 -13.65 3.25
CA GLY B 130 -14.47 -12.74 2.46
C GLY B 130 -14.46 -13.20 1.01
N TRP B 131 -14.72 -12.29 0.07
CA TRP B 131 -14.92 -12.69 -1.31
C TRP B 131 -14.23 -11.70 -2.24
N LEU B 132 -13.91 -12.19 -3.43
CA LEU B 132 -13.22 -11.39 -4.44
C LEU B 132 -13.66 -11.80 -5.84
N PRO B 133 -14.28 -10.90 -6.59
CA PRO B 133 -14.68 -11.22 -7.97
C PRO B 133 -13.54 -10.97 -8.95
N THR B 134 -12.92 -12.06 -9.41
CA THR B 134 -11.79 -11.99 -10.30
C THR B 134 -11.85 -13.17 -11.26
N ASN B 135 -11.22 -13.06 -12.43
CA ASN B 135 -11.01 -14.25 -13.24
C ASN B 135 -9.76 -14.99 -12.78
N ASN B 136 -8.75 -14.22 -12.30
CA ASN B 136 -7.60 -14.83 -11.71
C ASN B 136 -8.13 -15.66 -10.60
N THR B 137 -8.05 -16.94 -10.85
CA THR B 137 -8.58 -17.98 -10.02
C THR B 137 -7.43 -18.64 -9.30
N GLN B 138 -6.21 -18.16 -9.53
CA GLN B 138 -5.06 -18.56 -8.75
C GLN B 138 -4.67 -17.43 -7.81
N PRO B 139 -4.34 -17.73 -6.55
CA PRO B 139 -3.98 -16.66 -5.61
C PRO B 139 -2.75 -15.91 -6.08
N PHE B 140 -2.74 -14.61 -5.79
CA PHE B 140 -1.60 -13.77 -6.11
C PHE B 140 -0.51 -13.98 -5.06
N VAL B 141 0.66 -14.43 -5.50
CA VAL B 141 1.78 -14.69 -4.60
C VAL B 141 2.80 -13.56 -4.74
N THR B 142 3.24 -13.03 -3.60
CA THR B 142 4.07 -11.83 -3.57
C THR B 142 5.18 -11.99 -2.54
N THR B 143 5.98 -10.93 -2.42
CA THR B 143 6.97 -10.76 -1.36
C THR B 143 6.55 -9.53 -0.55
N ILE B 144 6.14 -9.74 0.69
CA ILE B 144 5.64 -8.67 1.53
C ILE B 144 6.81 -8.01 2.24
N VAL B 145 7.03 -6.73 1.98
CA VAL B 145 8.15 -5.98 2.53
C VAL B 145 7.61 -4.95 3.52
N GLY B 146 8.27 -4.84 4.67
CA GLY B 146 7.88 -3.87 5.66
C GLY B 146 9.03 -3.18 6.37
N LEU B 147 9.08 -3.36 7.69
CA LEU B 147 10.01 -2.62 8.55
C LEU B 147 11.46 -2.77 8.09
N TYR B 148 12.11 -1.63 7.86
CA TYR B 148 13.53 -1.55 7.50
C TYR B 148 13.85 -2.23 6.19
N GLY B 149 12.85 -2.48 5.34
CA GLY B 149 13.09 -3.23 4.14
C GLY B 149 13.19 -4.73 4.32
N LEU B 150 12.91 -5.24 5.51
CA LEU B 150 12.95 -6.68 5.72
C LEU B 150 11.72 -7.34 5.08
N CYS B 151 11.78 -8.66 4.98
CA CYS B 151 10.76 -9.45 4.33
C CYS B 151 10.06 -10.36 5.34
N LEU B 152 8.73 -10.42 5.22
CA LEU B 152 7.92 -11.31 6.05
C LEU B 152 8.23 -12.76 5.70
N GLN B 153 8.78 -13.50 6.66
CA GLN B 153 9.13 -14.89 6.45
C GLN B 153 8.42 -15.77 7.47
N ALA B 154 8.08 -16.99 7.05
CA ALA B 154 7.42 -17.96 7.91
C ALA B 154 8.23 -19.24 7.98
N ASN B 155 8.11 -19.94 9.12
CA ASN B 155 8.63 -21.30 9.23
C ASN B 155 7.80 -22.08 10.22
N SER B 156 7.12 -23.12 9.70
CA SER B 156 6.43 -24.14 10.51
C SER B 156 5.68 -23.54 11.69
N GLY B 157 4.89 -22.50 11.40
CA GLY B 157 4.05 -21.88 12.40
C GLY B 157 4.62 -20.64 13.04
N GLN B 158 5.81 -20.20 12.65
CA GLN B 158 6.42 -19.00 13.21
C GLN B 158 6.64 -17.99 12.09
N VAL B 159 6.19 -16.76 12.29
CA VAL B 159 6.33 -15.70 11.30
C VAL B 159 7.09 -14.54 11.93
N TRP B 160 7.95 -13.91 11.14
CA TRP B 160 8.62 -12.67 11.52
C TRP B 160 9.15 -12.00 10.25
N ILE B 161 10.06 -11.04 10.41
CA ILE B 161 10.70 -10.38 9.29
C ILE B 161 12.19 -10.63 9.34
N GLU B 162 12.80 -10.72 8.15
CA GLU B 162 14.22 -11.01 8.03
C GLU B 162 14.71 -10.40 6.72
N ASP B 163 16.04 -10.37 6.57
CA ASP B 163 16.65 -9.91 5.34
C ASP B 163 16.01 -10.59 4.13
N CYS B 164 15.73 -9.81 3.11
CA CYS B 164 15.04 -10.32 1.92
C CYS B 164 16.01 -11.16 1.09
N SER B 165 15.92 -12.48 1.24
CA SER B 165 16.68 -13.40 0.40
C SER B 165 15.77 -13.91 -0.71
N SER B 166 16.21 -13.77 -1.94
CA SER B 166 15.40 -14.17 -3.08
C SER B 166 15.31 -15.69 -3.19
N GLU B 170 10.85 -20.08 2.97
CA GLU B 170 10.45 -19.12 1.95
C GLU B 170 9.81 -17.87 2.52
N GLN B 171 10.03 -16.75 1.84
CA GLN B 171 9.42 -15.47 2.18
C GLN B 171 8.27 -15.14 1.24
N GLN B 172 7.64 -16.15 0.66
CA GLN B 172 6.57 -15.95 -0.32
C GLN B 172 5.22 -16.22 0.32
N TRP B 173 4.22 -15.43 -0.07
CA TRP B 173 2.89 -15.47 0.52
C TRP B 173 1.85 -15.39 -0.58
N ALA B 174 0.84 -16.24 -0.51
CA ALA B 174 -0.24 -16.27 -1.50
C ALA B 174 -1.47 -15.55 -0.94
N LEU B 175 -1.83 -14.44 -1.56
CA LEU B 175 -2.97 -13.63 -1.11
C LEU B 175 -4.24 -14.23 -1.69
N TYR B 176 -4.94 -15.01 -0.86
CA TYR B 176 -6.13 -15.70 -1.29
C TYR B 176 -7.31 -14.74 -1.38
N ALA B 177 -8.27 -15.12 -2.24
CA ALA B 177 -9.42 -14.26 -2.52
C ALA B 177 -10.30 -14.03 -1.30
N ASP B 178 -10.27 -14.93 -0.32
CA ASP B 178 -11.08 -14.79 0.87
C ASP B 178 -10.49 -13.83 1.90
N GLY B 179 -9.39 -13.15 1.56
CA GLY B 179 -8.76 -12.21 2.47
C GLY B 179 -7.70 -12.81 3.36
N SER B 180 -7.28 -14.04 3.10
CA SER B 180 -6.28 -14.70 3.92
C SER B 180 -4.90 -14.57 3.29
N ILE B 181 -3.88 -14.60 4.14
CA ILE B 181 -2.48 -14.56 3.70
C ILE B 181 -1.85 -15.88 4.14
N ARG B 182 -1.45 -16.69 3.17
CA ARG B 182 -1.04 -18.06 3.41
C ARG B 182 0.38 -18.29 2.94
N PRO B 183 1.25 -18.89 3.76
CA PRO B 183 2.61 -19.18 3.32
C PRO B 183 2.62 -20.10 2.10
N GLN B 184 3.55 -19.84 1.19
CA GLN B 184 3.51 -20.48 -0.13
C GLN B 184 3.73 -21.98 -0.03
N GLN B 185 4.67 -22.41 0.81
CA GLN B 185 5.05 -23.82 0.82
C GLN B 185 3.92 -24.71 1.32
N ASN B 186 3.16 -24.25 2.30
CA ASN B 186 1.98 -24.98 2.80
C ASN B 186 0.81 -24.00 2.76
N ARG B 187 0.07 -24.02 1.65
CA ARG B 187 -1.02 -23.07 1.43
C ARG B 187 -2.31 -23.48 2.14
N ASP B 188 -2.27 -24.47 3.02
CA ASP B 188 -3.38 -24.76 3.91
C ASP B 188 -3.28 -24.00 5.22
N ASN B 189 -2.16 -23.33 5.46
CA ASN B 189 -1.91 -22.61 6.70
C ASN B 189 -2.25 -21.14 6.55
N CYS B 190 -2.66 -20.52 7.66
CA CYS B 190 -3.21 -19.16 7.64
C CYS B 190 -2.42 -18.24 8.54
N LEU B 191 -2.43 -16.96 8.19
CA LEU B 191 -1.91 -15.91 9.04
C LEU B 191 -2.97 -15.63 10.09
N THR B 192 -2.86 -16.33 11.22
CA THR B 192 -3.92 -16.37 12.22
C THR B 192 -3.56 -15.55 13.45
N SER B 193 -4.58 -14.91 14.05
CA SER B 193 -4.49 -14.31 15.36
C SER B 193 -5.72 -14.72 16.16
N ASP B 194 -5.51 -15.01 17.45
CA ASP B 194 -6.56 -15.63 18.25
C ASP B 194 -7.48 -14.63 18.95
N SER B 195 -7.06 -13.37 19.11
CA SER B 195 -7.79 -12.46 19.97
C SER B 195 -7.80 -11.05 19.40
N ASN B 196 -8.75 -10.25 19.89
CA ASN B 196 -8.81 -8.82 19.61
C ASN B 196 -8.16 -8.03 20.76
N ILE B 197 -6.91 -8.37 21.04
CA ILE B 197 -6.18 -7.78 22.17
C ILE B 197 -4.94 -7.07 21.61
N ARG B 198 -4.25 -6.35 22.49
CA ARG B 198 -3.30 -5.32 22.07
C ARG B 198 -1.96 -5.87 21.62
N GLU B 199 -1.52 -7.00 22.13
CA GLU B 199 -0.24 -7.58 21.73
C GLU B 199 -0.34 -9.09 21.65
N THR B 200 -1.30 -9.58 20.88
CA THR B 200 -1.45 -11.00 20.61
C THR B 200 -0.55 -11.36 19.43
N VAL B 201 0.44 -12.23 19.68
CA VAL B 201 1.40 -12.56 18.63
C VAL B 201 0.68 -13.28 17.50
N VAL B 202 0.82 -12.75 16.30
CA VAL B 202 0.27 -13.38 15.10
C VAL B 202 1.29 -14.38 14.60
N LYS B 203 0.84 -15.60 14.33
CA LYS B 203 1.70 -16.66 13.82
C LYS B 203 0.93 -17.42 12.75
N ILE B 204 1.47 -18.55 12.34
CA ILE B 204 0.89 -19.36 11.27
C ILE B 204 0.15 -20.53 11.91
N LEU B 205 -1.15 -20.59 11.68
CA LEU B 205 -1.99 -21.73 12.06
C LEU B 205 -2.66 -22.27 10.79
N SER B 206 -3.63 -23.17 10.98
CA SER B 206 -4.34 -23.74 9.84
C SER B 206 -5.53 -22.88 9.45
N CYS B 207 -5.95 -23.01 8.19
CA CYS B 207 -7.03 -22.21 7.62
C CYS B 207 -8.42 -22.81 7.83
N GLY B 208 -8.55 -23.82 8.69
CA GLY B 208 -9.82 -24.47 8.93
C GLY B 208 -10.93 -23.56 9.42
N PRO B 209 -10.73 -22.90 10.56
CA PRO B 209 -11.81 -22.07 11.12
C PRO B 209 -12.20 -20.89 10.26
N ALA B 210 -11.26 -20.31 9.51
CA ALA B 210 -11.51 -19.15 8.65
C ALA B 210 -12.13 -18.00 9.44
N SER B 211 -11.65 -17.81 10.67
CA SER B 211 -12.17 -16.80 11.57
C SER B 211 -11.53 -15.45 11.28
N SER B 212 -12.01 -14.42 11.97
CA SER B 212 -11.25 -13.19 11.96
C SER B 212 -10.09 -13.30 12.92
N GLY B 213 -9.04 -12.57 12.61
CA GLY B 213 -7.71 -12.92 13.03
C GLY B 213 -6.97 -13.71 11.99
N GLN B 214 -7.68 -14.25 11.00
CA GLN B 214 -7.09 -14.88 9.83
C GLN B 214 -7.42 -14.14 8.54
N ARG B 215 -8.16 -13.03 8.63
CA ARG B 215 -8.58 -12.24 7.48
C ARG B 215 -7.90 -10.88 7.54
N TRP B 216 -7.33 -10.46 6.40
CA TRP B 216 -6.51 -9.26 6.34
C TRP B 216 -6.78 -8.51 5.05
N MET B 217 -6.92 -7.19 5.16
CA MET B 217 -7.07 -6.32 4.00
C MET B 217 -5.92 -5.33 3.97
N PHE B 218 -5.33 -5.15 2.79
CA PHE B 218 -4.25 -4.19 2.60
C PHE B 218 -4.86 -2.81 2.35
N LYS B 219 -4.86 -1.96 3.38
CA LYS B 219 -5.43 -0.63 3.25
C LYS B 219 -4.53 0.26 2.41
N ASN B 220 -5.11 1.36 1.93
CA ASN B 220 -4.37 2.30 1.08
C ASN B 220 -3.27 3.02 1.84
N ASP B 221 -3.40 3.14 3.17
CA ASP B 221 -2.41 3.85 3.97
C ASP B 221 -1.17 3.01 4.24
N GLY B 222 -1.01 1.85 3.60
CA GLY B 222 0.17 1.02 3.75
C GLY B 222 0.11 -0.05 4.83
N THR B 223 -1.00 -0.16 5.56
CA THR B 223 -1.10 -1.11 6.66
C THR B 223 -1.79 -2.39 6.18
N ILE B 224 -1.69 -3.41 7.03
CA ILE B 224 -2.38 -4.68 6.82
C ILE B 224 -3.31 -4.87 8.01
N LEU B 225 -4.60 -4.61 7.79
CA LEU B 225 -5.58 -4.49 8.87
C LEU B 225 -6.35 -5.79 9.05
N ASN B 226 -6.58 -6.16 10.31
CA ASN B 226 -7.58 -7.15 10.64
C ASN B 226 -8.91 -6.42 10.80
N LEU B 227 -9.82 -6.63 9.85
CA LEU B 227 -11.04 -5.83 9.77
C LEU B 227 -11.86 -5.92 11.05
N TYR B 228 -11.96 -7.12 11.61
CA TYR B 228 -12.74 -7.30 12.83
C TYR B 228 -12.03 -6.74 14.04
N SER B 229 -10.69 -6.72 14.01
CA SER B 229 -9.93 -6.22 15.16
C SER B 229 -9.86 -4.69 15.16
N GLY B 230 -9.65 -4.09 13.99
CA GLY B 230 -9.33 -2.68 13.91
C GLY B 230 -7.87 -2.36 14.13
N LEU B 231 -7.09 -3.30 14.65
CA LEU B 231 -5.65 -3.17 14.81
C LEU B 231 -4.95 -3.75 13.58
N VAL B 232 -3.72 -3.32 13.37
CA VAL B 232 -2.96 -3.66 12.18
C VAL B 232 -1.78 -4.54 12.57
N LEU B 233 -1.22 -5.22 11.57
CA LEU B 233 0.00 -5.99 11.80
C LEU B 233 1.14 -5.08 12.22
N ASP B 234 1.91 -5.52 13.22
CA ASP B 234 2.88 -4.67 13.87
C ASP B 234 4.07 -5.50 14.30
N VAL B 235 5.27 -5.06 13.93
CA VAL B 235 6.51 -5.67 14.43
C VAL B 235 6.78 -5.10 15.82
N ARG B 236 6.83 -5.97 16.83
CA ARG B 236 6.88 -5.52 18.21
C ARG B 236 8.05 -4.57 18.45
N ALA B 237 7.75 -3.43 19.07
CA ALA B 237 8.75 -2.43 19.45
C ALA B 237 9.70 -2.09 18.30
N SER B 238 9.18 -2.13 17.07
CA SER B 238 9.96 -1.90 15.87
C SER B 238 11.26 -2.70 15.87
N ASP B 239 11.25 -3.85 16.54
CA ASP B 239 12.44 -4.66 16.73
C ASP B 239 12.30 -5.95 15.95
N PRO B 240 12.95 -6.08 14.80
CA PRO B 240 12.87 -7.36 14.05
C PRO B 240 13.50 -8.52 14.79
N SER B 241 14.55 -8.28 15.58
CA SER B 241 15.25 -9.36 16.26
C SER B 241 14.39 -10.05 17.30
N LEU B 242 13.29 -9.42 17.74
CA LEU B 242 12.38 -10.08 18.68
C LEU B 242 11.67 -11.27 18.06
N LYS B 243 11.70 -11.42 16.74
CA LYS B 243 10.98 -12.47 16.03
C LYS B 243 9.48 -12.45 16.32
N GLN B 244 8.95 -11.30 16.73
CA GLN B 244 7.57 -11.19 17.19
C GLN B 244 6.81 -10.19 16.32
N ILE B 245 5.60 -10.57 15.92
CA ILE B 245 4.67 -9.68 15.23
C ILE B 245 3.35 -9.72 15.98
N ILE B 246 2.65 -8.59 16.00
CA ILE B 246 1.43 -8.44 16.78
C ILE B 246 0.38 -7.66 16.00
N LEU B 247 -0.80 -7.57 16.60
CA LEU B 247 -1.86 -6.67 16.19
C LEU B 247 -1.85 -5.47 17.13
N TYR B 248 -1.68 -4.28 16.58
CA TYR B 248 -1.58 -3.10 17.42
C TYR B 248 -2.43 -1.98 16.83
N PRO B 249 -3.04 -1.14 17.67
CA PRO B 249 -3.81 0.00 17.15
C PRO B 249 -2.98 0.86 16.22
N LEU B 250 -3.61 1.25 15.10
CA LEU B 250 -2.92 1.96 14.04
C LEU B 250 -2.41 3.31 14.51
N HIS B 251 -1.08 3.49 14.43
CA HIS B 251 -0.47 4.78 14.69
C HIS B 251 0.27 5.34 13.48
N GLY B 252 0.68 4.51 12.54
CA GLY B 252 1.27 4.98 11.30
C GLY B 252 2.78 4.90 11.23
N ASP B 253 3.44 4.38 12.26
CA ASP B 253 4.89 4.35 12.27
C ASP B 253 5.42 3.24 11.36
N PRO B 254 6.72 3.27 11.03
CA PRO B 254 7.21 2.37 9.96
C PRO B 254 7.05 0.90 10.27
N ASN B 255 6.99 0.52 11.55
CA ASN B 255 6.90 -0.88 11.94
C ASN B 255 5.51 -1.47 11.75
N GLN B 256 4.58 -0.70 11.16
CA GLN B 256 3.29 -1.26 10.77
C GLN B 256 2.92 -0.86 9.35
N ILE B 257 3.88 -0.37 8.58
CA ILE B 257 3.69 -0.08 7.17
C ILE B 257 4.32 -1.20 6.35
N TRP B 258 3.60 -1.66 5.32
CA TRP B 258 4.00 -2.80 4.53
C TRP B 258 3.76 -2.49 3.05
N LEU B 259 4.17 -3.42 2.19
CA LEU B 259 4.01 -3.28 0.75
C LEU B 259 4.08 -4.63 0.04
N PRO B 260 3.07 -4.99 -0.75
CA PRO B 260 3.14 -6.24 -1.51
C PRO B 260 3.93 -6.11 -2.80
N LEU B 261 5.19 -6.54 -2.78
CA LEU B 261 6.02 -6.44 -3.97
C LEU B 261 5.58 -7.46 -5.00
N PHE B 262 5.42 -7.01 -6.24
CA PHE B 262 5.02 -7.91 -7.32
C PHE B 262 5.89 -7.69 -8.55
N ASN C 1 30.88 4.85 10.19
CA ASN C 1 31.99 4.24 10.90
C ASN C 1 31.87 4.54 12.39
N ALA C 2 31.14 5.59 12.73
CA ALA C 2 30.84 5.95 14.11
C ALA C 2 29.43 5.50 14.48
N GLN C 3 29.20 5.34 15.77
CA GLN C 3 27.93 4.86 16.28
C GLN C 3 27.52 5.67 17.50
N VAL C 4 26.27 5.51 17.91
CA VAL C 4 25.76 6.18 19.09
C VAL C 4 26.23 5.44 20.33
N GLN C 5 26.46 6.20 21.40
CA GLN C 5 26.86 5.65 22.69
C GLN C 5 25.66 5.78 23.64
N LEU C 6 24.99 4.67 23.89
CA LEU C 6 23.82 4.67 24.78
C LEU C 6 24.31 4.47 26.22
N VAL C 7 24.52 5.59 26.91
CA VAL C 7 24.97 5.56 28.29
C VAL C 7 23.75 5.55 29.19
N GLU C 8 23.62 4.51 30.01
CA GLU C 8 22.45 4.30 30.84
C GLU C 8 22.73 4.69 32.29
N THR C 9 21.71 5.28 32.94
CA THR C 9 21.79 5.63 34.35
C THR C 9 20.44 5.31 34.99
N GLY C 10 20.29 5.68 36.26
CA GLY C 10 19.06 5.41 36.99
C GLY C 10 19.14 4.20 37.90
N ARG C 21 13.76 4.80 38.11
CA ARG C 21 13.63 5.52 36.85
C ARG C 21 14.89 5.40 36.01
N LEU C 22 14.90 4.45 35.07
CA LEU C 22 16.05 4.23 34.22
C LEU C 22 16.14 5.32 33.15
N SER C 23 17.33 5.89 33.00
CA SER C 23 17.60 6.94 32.02
C SER C 23 18.60 6.45 30.99
N CYS C 24 18.45 6.91 29.76
CA CYS C 24 19.33 6.50 28.66
C CYS C 24 19.37 7.59 27.61
N VAL C 25 20.58 7.91 27.15
CA VAL C 25 20.81 9.00 26.21
C VAL C 25 21.61 8.46 25.03
N ALA C 26 21.45 9.09 23.87
CA ALA C 26 22.12 8.67 22.65
C ALA C 26 23.17 9.67 22.22
N SER C 27 24.05 9.24 21.33
CA SER C 27 25.09 10.10 20.78
C SER C 27 24.76 10.49 19.34
N GLY C 29 21.65 10.08 16.61
CA GLY C 29 20.51 10.96 16.77
C GLY C 29 19.20 10.23 17.00
N THR C 30 18.62 10.45 18.19
CA THR C 30 17.38 9.77 18.54
C THR C 30 16.20 10.23 17.70
N PHE C 31 16.27 11.45 17.13
CA PHE C 31 15.28 11.86 16.15
C PHE C 31 15.10 10.79 15.10
N SER C 32 16.21 10.38 14.49
CA SER C 32 16.14 9.33 13.49
C SER C 32 15.97 7.97 14.14
N SER C 33 16.85 7.62 15.08
CA SER C 33 16.86 6.29 15.71
C SER C 33 15.45 5.82 16.04
N TYR C 34 15.10 4.66 15.48
CA TYR C 34 13.72 4.19 15.47
C TYR C 34 13.44 3.45 16.78
N ALA C 35 12.39 3.87 17.47
CA ALA C 35 11.91 3.18 18.65
C ALA C 35 12.90 3.29 19.80
N MET C 36 12.59 2.67 20.93
CA MET C 36 13.57 2.46 21.99
C MET C 36 13.22 1.15 22.69
N GLY C 37 14.25 0.45 23.13
CA GLY C 37 14.05 -0.86 23.72
C GLY C 37 14.85 -1.11 24.99
N TRP C 38 14.17 -1.47 26.07
CA TRP C 38 14.83 -1.90 27.29
C TRP C 38 14.84 -3.43 27.37
N PHE C 39 15.98 -3.99 27.74
CA PHE C 39 16.16 -5.43 27.81
C PHE C 39 16.79 -5.79 29.15
N ARG C 40 16.24 -6.83 29.79
CA ARG C 40 16.69 -7.25 31.11
C ARG C 40 17.68 -8.41 31.06
N ALA C 42 18.98 -11.46 33.89
CA ALA C 42 19.62 -12.04 35.06
C ALA C 42 20.81 -12.89 34.63
N PRO C 43 21.88 -12.89 35.43
CA PRO C 43 23.04 -13.75 35.16
C PRO C 43 22.70 -15.23 35.36
N LYS C 45 20.35 -16.63 32.66
CA LYS C 45 19.14 -16.54 31.85
C LYS C 45 19.39 -15.75 30.58
N GLU C 46 18.64 -16.05 29.53
CA GLU C 46 18.74 -15.29 28.29
C GLU C 46 18.31 -13.85 28.52
N ARG C 47 18.69 -12.98 27.59
CA ARG C 47 18.34 -11.57 27.66
C ARG C 47 16.93 -11.39 27.10
N ASP C 48 15.94 -11.45 27.98
CA ASP C 48 14.55 -11.31 27.58
C ASP C 48 14.28 -9.86 27.19
N PHE C 49 13.01 -9.55 26.94
CA PHE C 49 12.58 -8.23 26.51
C PHE C 49 11.83 -7.54 27.64
N VAL C 50 11.76 -6.21 27.58
CA VAL C 50 10.96 -5.44 28.54
C VAL C 50 10.03 -4.53 27.76
N ALA C 51 10.57 -3.45 27.22
CA ALA C 51 9.79 -2.43 26.53
C ALA C 51 10.66 -1.62 25.59
N ILE C 53 9.04 1.59 22.91
CA ILE C 53 8.34 2.72 22.31
C ILE C 53 8.61 2.72 20.83
N SER C 54 7.67 3.23 20.03
CA SER C 54 7.87 3.38 18.60
C SER C 54 8.58 4.70 18.26
N LEU C 55 8.51 5.14 17.00
CA LEU C 55 9.08 6.44 16.65
C LEU C 55 8.34 7.57 17.33
N SER C 56 7.01 7.58 17.20
CA SER C 56 6.19 8.71 17.65
C SER C 56 6.42 9.05 19.12
N GLY C 57 6.34 8.07 20.04
CA GLY C 57 6.17 6.66 19.78
C GLY C 57 5.14 5.93 20.62
N ALA C 58 4.33 5.12 19.95
CA ALA C 58 3.39 4.19 20.57
C ALA C 58 2.60 3.49 19.47
N THR C 60 2.56 1.58 22.72
CA THR C 60 3.77 1.16 23.39
C THR C 60 3.80 -0.35 23.57
N TYR C 61 5.00 -0.90 23.77
CA TYR C 61 5.22 -2.33 23.71
C TYR C 61 5.88 -2.81 24.98
N TYR C 62 5.14 -3.58 25.79
CA TYR C 62 5.60 -4.09 27.07
C TYR C 62 5.56 -5.61 27.08
N GLN C 63 6.47 -6.22 27.84
CA GLN C 63 6.44 -7.66 28.02
C GLN C 63 5.27 -8.07 28.90
N ASP C 64 4.81 -9.31 28.72
CA ASP C 64 3.56 -9.75 29.34
C ASP C 64 3.66 -9.74 30.86
N SER C 65 4.86 -9.86 31.42
CA SER C 65 4.99 -9.93 32.87
C SER C 65 4.84 -8.55 33.51
N VAL C 66 5.17 -7.49 32.80
CA VAL C 66 5.40 -6.19 33.43
C VAL C 66 4.46 -5.11 32.92
N LYS C 67 3.24 -5.49 32.52
CA LYS C 67 2.28 -4.49 32.08
C LYS C 67 1.78 -3.65 33.25
N GLY C 68 1.71 -2.34 33.04
CA GLY C 68 1.20 -1.44 34.05
C GLY C 68 2.22 -1.04 35.09
N ARG C 69 3.00 -2.01 35.58
CA ARG C 69 4.07 -1.70 36.53
C ARG C 69 5.10 -0.78 35.91
N PHE C 70 5.52 -1.10 34.69
CA PHE C 70 6.58 -0.38 34.00
C PHE C 70 5.99 0.55 32.94
N THR C 71 6.60 1.72 32.79
CA THR C 71 6.23 2.66 31.73
C THR C 71 7.52 3.16 31.09
N ILE C 72 7.54 3.17 29.76
CA ILE C 72 8.67 3.68 28.99
C ILE C 72 8.22 4.97 28.31
N SER C 73 9.08 5.98 28.34
CA SER C 73 8.78 7.31 27.82
C SER C 73 9.80 7.69 26.75
N ARG C 74 9.51 8.76 26.03
CA ARG C 74 10.38 9.21 24.97
C ARG C 74 10.28 10.72 24.84
N ASP C 75 11.41 11.35 24.53
CA ASP C 75 11.41 12.75 24.08
C ASP C 75 12.64 12.92 23.19
N ASN C 76 12.40 12.91 21.88
CA ASN C 76 13.50 13.04 20.92
C ASN C 76 14.28 14.33 21.14
N ALA C 77 13.57 15.44 21.27
CA ALA C 77 14.20 16.73 21.47
C ALA C 77 15.03 16.77 22.75
N ASN C 79 17.13 13.87 23.34
CA ASN C 79 18.11 12.82 23.09
C ASN C 79 17.98 11.71 24.12
N THR C 80 16.83 11.62 24.77
CA THR C 80 16.67 10.73 25.91
C THR C 80 15.40 9.91 25.80
N VAL C 81 15.41 8.79 26.52
CA VAL C 81 14.26 7.90 26.64
C VAL C 81 14.34 7.19 27.98
N TYR C 82 13.28 7.29 28.78
CA TYR C 82 13.27 6.81 30.15
C TYR C 82 12.60 5.44 30.25
N LEU C 83 12.54 4.93 31.48
CA LEU C 83 11.76 3.74 31.82
C LEU C 83 11.50 3.79 33.32
N GLN C 84 10.25 4.03 33.71
CA GLN C 84 9.90 4.09 35.12
C GLN C 84 9.52 2.71 35.63
N MET C 85 10.14 2.31 36.73
CA MET C 85 9.90 1.02 37.37
C MET C 85 9.14 1.24 38.66
N ASN C 86 7.94 0.69 38.74
CA ASN C 86 7.09 0.81 39.93
C ASN C 86 6.88 -0.57 40.55
N SER C 87 6.63 -0.58 41.86
CA SER C 87 6.34 -1.80 42.61
C SER C 87 7.42 -2.87 42.44
N PRO C 90 11.18 -8.73 43.12
CA PRO C 90 12.47 -9.39 43.32
C PRO C 90 12.99 -10.07 42.06
N GLU C 91 12.11 -10.83 41.39
CA GLU C 91 12.50 -11.54 40.18
C GLU C 91 12.90 -10.61 39.05
N ASP C 92 12.59 -9.32 39.17
CA ASP C 92 12.96 -8.34 38.16
C ASP C 92 14.37 -7.79 38.37
N THR C 93 15.08 -8.26 39.39
CA THR C 93 16.43 -7.78 39.64
C THR C 93 17.41 -8.37 38.62
N ALA C 94 18.00 -7.51 37.81
CA ALA C 94 18.97 -7.91 36.79
C ALA C 94 19.64 -6.64 36.26
N VAL C 95 20.38 -6.78 35.17
CA VAL C 95 21.05 -5.67 34.50
C VAL C 95 20.24 -5.31 33.28
N TYR C 96 19.81 -4.06 33.19
CA TYR C 96 18.92 -3.59 32.14
C TYR C 96 19.70 -2.78 31.11
N TYR C 97 19.44 -3.05 29.84
CA TYR C 97 20.12 -2.37 28.74
C TYR C 97 19.09 -1.68 27.85
N CYS C 98 19.41 -0.45 27.42
CA CYS C 98 18.58 0.24 26.44
C CYS C 98 19.10 -0.07 25.04
N LYS C 99 18.17 -0.39 24.14
CA LYS C 99 18.49 -0.80 22.78
C LYS C 99 17.83 0.13 21.78
N ALA C 100 18.51 0.35 20.66
CA ALA C 100 18.04 1.24 19.61
C ALA C 100 17.98 0.50 18.29
N THR C 101 17.06 0.94 17.43
CA THR C 101 16.94 0.43 16.07
C THR C 101 16.79 1.58 15.10
N GLY C 102 16.85 1.26 13.82
CA GLY C 102 16.74 2.24 12.77
C GLY C 102 17.19 1.64 11.45
N GLU C 103 17.23 2.50 10.43
CA GLU C 103 17.75 2.07 9.15
C GLU C 103 19.26 2.29 9.12
N ARG C 104 19.89 1.88 8.03
CA ARG C 104 21.33 1.74 7.99
C ARG C 104 21.97 2.64 6.93
N GLY C 105 23.28 2.80 7.07
CA GLY C 105 24.11 3.43 6.06
C GLY C 105 25.49 2.80 6.04
N TYR C 106 25.66 1.70 6.76
CA TYR C 106 26.97 1.08 6.96
C TYR C 106 27.09 -0.21 6.15
N GLN C 109 25.51 -4.49 7.64
CA GLN C 109 24.50 -4.13 8.62
C GLN C 109 23.14 -4.74 8.30
N GLY C 110 22.44 -4.17 7.31
CA GLY C 110 21.10 -4.60 6.98
C GLY C 110 20.01 -3.95 7.80
N TYR C 111 20.34 -3.48 9.00
CA TYR C 111 19.59 -2.48 9.74
C TYR C 111 20.38 -2.22 11.02
N LEU C 112 20.01 -1.15 11.73
CA LEU C 112 20.80 -0.65 12.85
C LEU C 112 20.26 -1.18 14.17
N GLU C 113 21.18 -1.63 15.03
CA GLU C 113 20.84 -2.06 16.38
C GLU C 113 21.98 -1.66 17.30
N VAL C 114 21.67 -1.01 18.41
CA VAL C 114 22.67 -0.49 19.34
C VAL C 114 22.28 -0.87 20.76
N TRP C 115 23.16 -1.59 21.46
CA TRP C 115 22.99 -1.86 22.87
C TRP C 115 23.74 -0.83 23.69
N GLY C 116 23.29 -0.62 24.92
CA GLY C 116 23.91 0.31 25.83
C GLY C 116 24.92 -0.34 26.73
N ARG C 117 25.09 0.23 27.93
CA ARG C 117 25.98 -0.33 28.93
C ARG C 117 25.23 -1.21 29.90
N THR C 119 22.93 -0.96 33.36
CA THR C 119 22.80 -0.57 34.76
C THR C 119 22.52 -1.78 35.65
C1 NAG D . 9.52 24.43 3.13
C2 NAG D . 8.26 24.54 4.03
C3 NAG D . 7.60 25.92 3.84
C4 NAG D . 8.60 27.03 4.16
C5 NAG D . 9.85 26.85 3.28
C6 NAG D . 10.96 27.83 3.64
C7 NAG D . 7.49 22.19 4.25
C8 NAG D . 6.34 21.24 3.94
N2 NAG D . 7.30 23.47 3.83
O3 NAG D . 6.48 26.02 4.72
O4 NAG D . 7.95 28.28 3.92
O5 NAG D . 10.40 25.54 3.40
O6 NAG D . 12.24 27.18 3.75
O7 NAG D . 8.51 21.83 4.84
C1 FUC D . 5.26 25.90 3.95
C2 FUC D . 4.25 25.15 4.86
C3 FUC D . 3.92 26.01 6.08
C4 FUC D . 3.34 27.35 5.63
C5 FUC D . 4.29 28.06 4.64
C6 FUC D . 3.65 29.24 3.95
O2 FUC D . 4.72 23.87 5.24
O3 FUC D . 2.93 25.34 6.87
O4 FUC D . 2.06 27.17 5.04
O5 FUC D . 4.76 27.18 3.57
C1 NAG E . -16.35 -2.35 5.19
C2 NAG E . -16.36 -1.32 6.35
C3 NAG E . -17.69 -0.57 6.29
C4 NAG E . -17.83 0.16 4.95
C5 NAG E . -17.59 -0.81 3.77
C6 NAG E . -17.33 -0.08 2.44
C7 NAG E . -15.01 -2.18 8.24
C8 NAG E . -15.08 -2.79 9.64
N2 NAG E . -16.22 -1.89 7.68
O3 NAG E . -17.74 0.33 7.40
O4 NAG E . -19.16 0.67 4.92
O5 NAG E . -16.42 -1.63 3.96
O6 NAG E . -18.26 0.98 2.26
O7 NAG E . -13.94 -1.99 7.66
C1 NAG E . -19.22 2.08 5.18
C2 NAG E . -20.71 2.43 5.26
C3 NAG E . -20.90 3.92 5.56
C4 NAG E . -20.09 4.32 6.77
C5 NAG E . -18.63 3.91 6.61
C6 NAG E . -17.77 4.19 7.82
C7 NAG E . -21.12 2.51 2.82
C8 NAG E . -21.96 1.97 1.70
N2 NAG E . -21.41 2.05 4.04
O3 NAG E . -22.28 4.17 5.80
O4 NAG E . -20.16 5.74 6.95
O5 NAG E . -18.56 2.49 6.37
O6 NAG E . -16.39 4.01 7.52
O7 NAG E . -20.22 3.32 2.61
C1 NAG F . -14.02 -13.38 -17.56
C2 NAG F . -14.07 -12.04 -18.27
C3 NAG F . -15.46 -12.13 -18.85
C4 NAG F . -15.52 -13.35 -19.78
C5 NAG F . -14.97 -14.67 -19.18
C6 NAG F . -14.66 -15.84 -20.14
C7 NAG F . -13.10 -9.84 -17.54
C8 NAG F . -13.16 -8.72 -16.50
N2 NAG F . -13.98 -10.88 -17.41
O3 NAG F . -15.81 -10.87 -19.42
O4 NAG F . -16.90 -13.47 -20.04
O5 NAG F . -13.76 -14.33 -18.56
O6 NAG F . -13.32 -16.30 -19.90
O7 NAG F . -12.28 -9.82 -18.46
C1 NAG F . -17.06 -13.05 -21.39
C2 NAG F . -18.38 -13.67 -21.84
C3 NAG F . -18.71 -13.23 -23.26
C4 NAG F . -18.69 -11.71 -23.36
C5 NAG F . -17.36 -11.17 -22.85
C6 NAG F . -17.30 -9.66 -22.82
C7 NAG F . -19.02 -15.84 -20.87
C8 NAG F . -19.90 -15.07 -19.94
N2 NAG F . -18.32 -15.12 -21.76
O3 NAG F . -20.00 -13.72 -23.61
O4 NAG F . -18.88 -11.32 -24.71
O5 NAG F . -17.15 -11.62 -21.51
O6 NAG F . -17.22 -9.16 -21.50
O7 NAG F . -18.94 -17.07 -20.83
C1 EDO G . -7.73 -10.08 -1.55
O1 EDO G . -6.58 -9.94 -2.38
C2 EDO G . -7.47 -9.48 -0.17
O2 EDO G . -7.31 -8.06 -0.29
ZN ZN H . -4.76 33.65 -16.27
ZN ZN I . 9.24 2.12 -23.16
#